data_6YOZ
#
_entry.id   6YOZ
#
_cell.length_a   102.000
_cell.length_b   102.000
_cell.length_c   278.850
_cell.angle_alpha   90.000
_cell.angle_beta   90.000
_cell.angle_gamma   90.000
#
_symmetry.space_group_name_H-M   'P 41 2 2'
#
loop_
_entity.id
_entity.type
_entity.pdbx_description
1 polymer 'Endoglucanase 1'
2 non-polymer 2-acetamido-2-deoxy-beta-D-glucopyranose
3 non-polymer 'SULFATE ION'
4 non-polymer beta-D-glucopyranose
5 non-polymer (1R,2S,3S,4S,5R,6R)-6-(HYDROXYMETHYL)CYCLOHEXANE-1,2,3,4,5-PENTOL
6 non-polymer GLYCEROL
7 non-polymer ACETAMIDE
8 water water
#
_entity_poly.entity_id   1
_entity_poly.type   'polypeptide(L)'
_entity_poly.pdbx_seq_one_letter_code
;(PCA)KPGETKEVHPQLTTFRCTKRGGCKPATNFIVLDSLSHPIHRAEGLGPGGCGDWGNPPPKDVCPDVESCAKNCIME
GIPDYSQYGVTTNGTSLRLQHILPDGRVPSPRVYLLDKTKRRYEMLHLTGFEFTFDVDATKLPCGMNSALYLSEMHPTGA
KSKYNPGGAYYGTGYCDAQCFVTPFINGLGNIEGKGSCCNEMDIWEANSRASHVAPHTCNKKGLYLCEGEECAFEGVCDK
NGCGWNNYRVNVTDYYGRGEEFKVNTLKPFTVVTQFLANRRGKLEKIHRFYVQDGKVIESFYTNKEGVPYTNMIDDEFCE
ATGSRKYMELGATQGMGEALTRGMVLAMSIWWDQGGNMEWLDHGEAGPCAKGEGAPSNIVQVEPFPEVTYTNLRWGEIGS
TYQE
;
_entity_poly.pdbx_strand_id   AAA,BBB
#
# COMPACT_ATOMS: atom_id res chain seq x y z
N LYS A 2 10.69 14.81 6.69
CA LYS A 2 12.10 14.57 6.46
C LYS A 2 12.25 13.49 5.41
N PRO A 3 13.13 13.68 4.40
CA PRO A 3 13.39 12.62 3.44
C PRO A 3 13.93 11.31 4.06
N GLY A 4 13.42 10.18 3.60
CA GLY A 4 13.85 8.86 4.08
C GLY A 4 15.03 8.38 3.27
N GLU A 5 15.38 7.11 3.41
CA GLU A 5 16.57 6.53 2.73
C GLU A 5 16.20 5.97 1.36
N THR A 6 14.93 5.72 1.03
CA THR A 6 14.60 5.16 -0.31
C THR A 6 14.95 6.15 -1.43
N LYS A 7 15.58 5.68 -2.53
CA LYS A 7 15.99 6.53 -3.68
C LYS A 7 14.74 7.04 -4.42
N GLU A 8 14.72 8.33 -4.72
CA GLU A 8 13.71 8.96 -5.63
C GLU A 8 14.26 8.90 -7.05
N VAL A 9 13.59 8.19 -7.97
CA VAL A 9 13.99 8.06 -9.41
C VAL A 9 12.96 8.81 -10.27
N HIS A 10 13.25 10.05 -10.60
CA HIS A 10 12.32 10.88 -11.41
C HIS A 10 12.37 10.42 -12.86
N PRO A 11 11.20 10.17 -13.48
CA PRO A 11 11.11 10.00 -14.92
C PRO A 11 11.64 11.25 -15.65
N GLN A 12 12.43 11.01 -16.71
CA GLN A 12 12.94 12.09 -17.60
C GLN A 12 11.88 12.38 -18.67
N LEU A 13 11.61 13.64 -18.95
CA LEU A 13 10.65 14.03 -20.01
C LEU A 13 11.31 15.11 -20.87
N THR A 14 11.47 14.83 -22.17
CA THR A 14 11.93 15.85 -23.13
C THR A 14 10.76 16.77 -23.50
N THR A 15 10.97 18.08 -23.38
CA THR A 15 9.99 19.13 -23.75
C THR A 15 10.62 20.05 -24.81
N PHE A 16 9.91 21.09 -25.20
CA PHE A 16 10.47 22.02 -26.21
C PHE A 16 10.26 23.48 -25.81
N ARG A 17 11.21 24.33 -26.27
CA ARG A 17 11.11 25.82 -26.24
C ARG A 17 11.09 26.29 -27.70
N CYS A 18 10.13 27.13 -28.02
CA CYS A 18 9.72 27.40 -29.43
C CYS A 18 9.89 28.89 -29.73
N THR A 19 10.46 29.19 -30.90
CA THR A 19 10.50 30.56 -31.49
C THR A 19 10.13 30.46 -32.96
N LYS A 20 9.69 31.57 -33.51
CA LYS A 20 9.45 31.69 -34.97
C LYS A 20 10.74 31.42 -35.73
N ARG A 21 11.85 32.06 -35.35
CA ARG A 21 13.15 31.97 -36.10
C ARG A 21 13.75 30.56 -35.93
N GLY A 22 13.67 29.94 -34.75
CA GLY A 22 14.47 28.74 -34.41
C GLY A 22 13.68 27.45 -34.38
N GLY A 23 12.35 27.51 -34.52
CA GLY A 23 11.47 26.34 -34.34
C GLY A 23 11.43 25.84 -32.88
N CYS A 24 11.23 24.54 -32.71
CA CYS A 24 10.99 23.88 -31.41
C CYS A 24 12.29 23.15 -31.06
N LYS A 25 12.98 23.60 -30.01
CA LYS A 25 14.30 23.04 -29.55
C LYS A 25 14.09 22.27 -28.27
N PRO A 26 14.58 21.03 -28.25
CA PRO A 26 14.33 20.11 -27.14
C PRO A 26 15.11 20.53 -25.88
N ALA A 27 14.51 20.27 -24.72
CA ALA A 27 15.03 20.61 -23.36
C ALA A 27 14.77 19.42 -22.43
N THR A 28 15.62 19.22 -21.44
CA THR A 28 15.46 18.15 -20.42
C THR A 28 14.65 18.67 -19.23
N ASN A 29 13.61 17.94 -18.87
CA ASN A 29 12.80 18.13 -17.65
C ASN A 29 12.68 16.77 -16.93
N PHE A 30 12.26 16.82 -15.68
CA PHE A 30 11.96 15.60 -14.90
C PHE A 30 10.54 15.77 -14.32
N ILE A 31 9.97 14.65 -13.86
CA ILE A 31 8.59 14.56 -13.31
C ILE A 31 8.71 14.14 -11.86
N VAL A 32 7.97 14.83 -10.98
CA VAL A 32 7.91 14.49 -9.52
C VAL A 32 6.46 14.42 -9.07
N LEU A 33 6.14 13.36 -8.33
CA LEU A 33 4.82 13.16 -7.71
C LEU A 33 4.66 14.11 -6.56
N ASP A 34 3.41 14.45 -6.25
CA ASP A 34 3.18 15.33 -5.06
C ASP A 34 3.84 14.70 -3.84
N SER A 35 4.36 15.53 -2.96
CA SER A 35 5.08 15.11 -1.72
C SER A 35 4.19 14.19 -0.88
N LEU A 36 2.88 14.55 -0.74
CA LEU A 36 1.96 13.79 0.13
C LEU A 36 1.48 12.51 -0.55
N SER A 37 1.83 12.26 -1.81
CA SER A 37 1.62 10.98 -2.53
C SER A 37 2.80 10.04 -2.29
N HIS A 38 3.92 10.55 -1.81
CA HIS A 38 5.05 9.67 -1.41
C HIS A 38 4.63 8.95 -0.13
N PRO A 39 5.23 7.79 0.15
CA PRO A 39 4.97 7.09 1.40
C PRO A 39 5.46 7.98 2.55
N ILE A 40 4.55 8.35 3.43
CA ILE A 40 4.87 9.14 4.64
C ILE A 40 4.55 8.31 5.90
N HIS A 41 5.56 8.10 6.75
CA HIS A 41 5.46 7.18 7.91
C HIS A 41 6.21 7.81 9.10
N ARG A 42 6.01 7.27 10.31
CA ARG A 42 6.68 7.74 11.52
C ARG A 42 8.10 7.20 11.52
N ALA A 43 9.00 7.99 12.09
CA ALA A 43 10.44 7.74 12.15
C ALA A 43 10.78 6.45 12.91
N GLU A 44 11.89 5.85 12.53
CA GLU A 44 12.62 4.78 13.25
C GLU A 44 12.48 4.98 14.77
N GLY A 45 12.01 3.96 15.51
CA GLY A 45 11.89 3.99 16.97
C GLY A 45 10.60 4.61 17.46
N LEU A 46 9.69 5.01 16.58
CA LEU A 46 8.35 5.51 16.95
C LEU A 46 7.35 4.44 16.54
N GLY A 47 6.28 4.25 17.30
CA GLY A 47 5.26 3.25 16.94
C GLY A 47 4.72 3.58 15.57
N PRO A 48 4.43 2.59 14.69
CA PRO A 48 3.87 2.85 13.38
C PRO A 48 2.58 3.66 13.40
N GLY A 49 2.40 4.49 12.40
CA GLY A 49 1.13 5.20 12.18
C GLY A 49 1.33 6.22 11.09
N GLY A 50 0.39 7.14 10.95
CA GLY A 50 0.45 8.10 9.85
C GLY A 50 0.84 9.46 10.34
N CYS A 51 1.08 10.35 9.39
CA CYS A 51 1.41 11.75 9.68
C CYS A 51 0.32 12.65 9.12
N GLY A 52 -0.87 12.11 8.85
CA GLY A 52 -2.02 12.95 8.50
C GLY A 52 -2.58 12.64 7.13
N ASP A 53 -3.88 12.83 6.96
CA ASP A 53 -4.56 12.56 5.69
C ASP A 53 -5.02 13.90 5.11
N TRP A 54 -5.32 13.90 3.82
CA TRP A 54 -5.84 15.08 3.09
C TRP A 54 -7.00 15.69 3.90
N GLY A 55 -6.99 16.98 4.20
CA GLY A 55 -8.12 17.63 4.90
C GLY A 55 -7.84 17.83 6.37
N ASN A 56 -6.77 17.25 6.90
CA ASN A 56 -6.44 17.24 8.34
C ASN A 56 -5.12 17.93 8.59
N PRO A 57 -4.99 18.58 9.76
CA PRO A 57 -3.67 18.91 10.29
C PRO A 57 -2.93 17.62 10.55
N PRO A 58 -1.59 17.70 10.76
CA PRO A 58 -0.84 16.53 11.15
C PRO A 58 -1.14 16.14 12.60
N PRO A 59 -0.83 14.91 13.01
CA PRO A 59 -1.20 14.45 14.36
C PRO A 59 -0.46 15.17 15.51
N LYS A 60 -1.20 15.34 16.62
CA LYS A 60 -0.72 16.11 17.81
C LYS A 60 0.38 15.34 18.53
N ASP A 61 0.48 14.02 18.37
CA ASP A 61 1.43 13.20 19.17
C ASP A 61 2.84 13.43 18.61
N VAL A 62 3.02 13.27 17.29
CA VAL A 62 4.37 13.32 16.66
C VAL A 62 4.61 14.70 16.08
N CYS A 63 3.59 15.54 15.93
CA CYS A 63 3.67 16.88 15.30
C CYS A 63 3.05 17.94 16.22
N PRO A 64 3.51 18.09 17.49
CA PRO A 64 3.04 19.19 18.33
C PRO A 64 3.50 20.55 17.79
N ASP A 65 4.64 20.57 17.07
CA ASP A 65 5.22 21.78 16.46
C ASP A 65 6.01 21.38 15.21
N VAL A 66 6.46 22.38 14.45
CA VAL A 66 7.07 22.19 13.11
C VAL A 66 8.35 21.40 13.30
N GLU A 67 9.14 21.73 14.32
CA GLU A 67 10.44 21.04 14.55
C GLU A 67 10.22 19.55 14.86
N SER A 68 9.21 19.17 15.64
CA SER A 68 9.00 17.73 15.98
C SER A 68 8.52 16.97 14.75
N CYS A 69 7.56 17.57 14.05
CA CYS A 69 6.99 17.04 12.80
C CYS A 69 8.13 16.74 11.81
N ALA A 70 9.07 17.69 11.69
CA ALA A 70 10.20 17.64 10.72
C ALA A 70 11.11 16.45 11.00
N LYS A 71 11.18 15.97 12.24
CA LYS A 71 12.08 14.84 12.57
C LYS A 71 11.27 13.54 12.74
N ASN A 72 9.98 13.60 13.05
CA ASN A 72 9.21 12.37 13.42
C ASN A 72 8.47 11.80 12.21
N CYS A 73 8.22 12.63 11.18
CA CYS A 73 7.51 12.23 9.94
C CYS A 73 8.53 12.13 8.80
N ILE A 74 8.61 10.97 8.15
CA ILE A 74 9.60 10.58 7.12
C ILE A 74 8.87 10.44 5.78
N MET A 75 9.36 11.11 4.72
CA MET A 75 8.82 11.02 3.35
C MET A 75 9.77 10.14 2.55
N GLU A 76 9.39 8.93 2.18
CA GLU A 76 10.31 8.06 1.39
C GLU A 76 10.33 8.41 -0.11
N GLY A 77 11.48 8.26 -0.71
CA GLY A 77 11.62 8.37 -2.16
C GLY A 77 10.86 7.25 -2.83
N ILE A 78 10.46 7.49 -4.09
CA ILE A 78 9.73 6.48 -4.93
C ILE A 78 10.72 6.08 -5.99
N PRO A 79 11.21 4.84 -5.94
CA PRO A 79 12.23 4.40 -6.88
C PRO A 79 11.61 3.91 -8.19
N ASP A 80 10.30 3.71 -8.26
CA ASP A 80 9.60 3.17 -9.46
C ASP A 80 8.25 3.86 -9.61
N TYR A 81 8.22 4.93 -10.37
CA TYR A 81 7.02 5.77 -10.59
C TYR A 81 5.90 4.99 -11.28
N SER A 82 6.20 3.91 -12.00
CA SER A 82 5.13 3.12 -12.66
C SER A 82 4.18 2.53 -11.60
N GLN A 83 4.62 2.38 -10.35
CA GLN A 83 3.75 1.85 -9.27
C GLN A 83 2.68 2.88 -8.93
N TYR A 84 2.83 4.12 -9.41
CA TYR A 84 1.88 5.21 -9.16
C TYR A 84 1.22 5.68 -10.47
N GLY A 85 1.39 4.88 -11.52
CA GLY A 85 0.73 5.13 -12.82
C GLY A 85 1.38 6.28 -13.54
N VAL A 86 2.65 6.55 -13.25
CA VAL A 86 3.40 7.62 -13.95
C VAL A 86 4.52 6.99 -14.74
N THR A 87 4.45 7.13 -16.07
CA THR A 87 5.55 6.72 -16.99
C THR A 87 5.80 7.83 -18.02
N THR A 88 7.04 7.89 -18.48
CA THR A 88 7.48 8.81 -19.55
C THR A 88 8.13 7.95 -20.62
N ASN A 89 8.08 8.43 -21.84
CA ASN A 89 8.67 7.76 -23.04
C ASN A 89 9.04 8.87 -24.02
N GLY A 90 10.31 9.25 -24.07
CA GLY A 90 10.82 10.39 -24.87
C GLY A 90 10.13 11.68 -24.48
N THR A 91 9.15 12.12 -25.28
CA THR A 91 8.42 13.38 -25.03
C THR A 91 7.01 13.12 -24.51
N SER A 92 6.65 11.89 -24.18
CA SER A 92 5.28 11.46 -23.74
C SER A 92 5.26 11.18 -22.24
N LEU A 93 4.27 11.74 -21.55
CA LEU A 93 3.89 11.48 -20.14
C LEU A 93 2.56 10.76 -20.12
N ARG A 94 2.54 9.54 -19.58
CA ARG A 94 1.32 8.73 -19.42
C ARG A 94 0.91 8.78 -17.95
N LEU A 95 -0.34 9.14 -17.67
CA LEU A 95 -0.88 9.11 -16.29
C LEU A 95 -2.01 8.08 -16.27
N GLN A 96 -1.81 6.99 -15.53
CA GLN A 96 -2.87 5.96 -15.31
C GLN A 96 -3.65 6.25 -14.02
N HIS A 97 -4.96 6.42 -14.16
CA HIS A 97 -5.84 6.62 -13.00
C HIS A 97 -5.93 5.33 -12.18
N ILE A 98 -6.09 4.19 -12.86
CA ILE A 98 -6.29 2.84 -12.26
C ILE A 98 -5.27 1.94 -12.89
N LEU A 99 -4.52 1.16 -12.13
CA LEU A 99 -3.51 0.24 -12.71
C LEU A 99 -4.17 -1.09 -13.04
N PRO A 100 -3.59 -1.92 -13.94
CA PRO A 100 -4.13 -3.24 -14.25
C PRO A 100 -4.46 -4.08 -13.01
N ASP A 101 -3.73 -3.90 -11.92
CA ASP A 101 -3.88 -4.73 -10.70
C ASP A 101 -4.88 -4.11 -9.73
N GLY A 102 -5.59 -3.05 -10.10
CA GLY A 102 -6.73 -2.59 -9.28
C GLY A 102 -6.47 -1.38 -8.42
N ARG A 103 -5.22 -0.96 -8.27
CA ARG A 103 -4.88 0.21 -7.42
C ARG A 103 -5.35 1.48 -8.15
N VAL A 104 -5.72 2.52 -7.41
CA VAL A 104 -6.17 3.83 -7.95
C VAL A 104 -5.22 4.91 -7.48
N PRO A 105 -4.02 5.02 -8.08
CA PRO A 105 -3.08 6.05 -7.63
C PRO A 105 -3.50 7.49 -7.97
N SER A 106 -4.37 7.73 -8.97
CA SER A 106 -4.86 9.09 -9.34
C SER A 106 -3.71 10.11 -9.27
N PRO A 107 -2.62 9.90 -10.03
CA PRO A 107 -1.41 10.68 -9.81
C PRO A 107 -1.53 12.17 -10.19
N ARG A 108 -0.90 13.01 -9.37
CA ARG A 108 -0.60 14.44 -9.62
C ARG A 108 0.92 14.66 -9.60
N VAL A 109 1.46 15.17 -10.71
CA VAL A 109 2.90 15.45 -10.93
C VAL A 109 3.17 16.91 -11.27
N TYR A 110 4.39 17.37 -10.95
CA TYR A 110 4.93 18.69 -11.33
C TYR A 110 6.10 18.50 -12.26
N LEU A 111 6.37 19.51 -13.10
CA LEU A 111 7.56 19.50 -13.99
C LEU A 111 8.76 20.15 -13.28
N LEU A 112 9.82 19.38 -13.08
CA LEU A 112 11.10 19.89 -12.54
C LEU A 112 11.98 20.33 -13.73
N ASP A 113 12.87 21.25 -13.46
CA ASP A 113 14.00 21.66 -14.36
C ASP A 113 15.06 20.57 -14.36
N LYS A 114 16.11 20.74 -15.17
CA LYS A 114 17.07 19.63 -15.44
C LYS A 114 17.91 19.34 -14.19
N THR A 115 17.95 20.24 -13.19
CA THR A 115 18.71 20.01 -11.92
C THR A 115 17.95 19.05 -10.98
N LYS A 116 16.63 18.88 -11.19
CA LYS A 116 15.68 18.11 -10.32
C LYS A 116 15.45 18.74 -8.94
N ARG A 117 15.91 19.98 -8.72
CA ARG A 117 15.94 20.62 -7.38
C ARG A 117 15.17 21.94 -7.45
N ARG A 118 14.57 22.24 -8.59
CA ARG A 118 13.74 23.47 -8.72
C ARG A 118 12.69 23.18 -9.78
N TYR A 119 11.45 23.55 -9.53
CA TYR A 119 10.40 23.50 -10.60
C TYR A 119 10.89 24.32 -11.80
N GLU A 120 10.57 23.84 -13.00
CA GLU A 120 10.56 24.64 -14.24
C GLU A 120 9.57 25.79 -14.08
N MET A 121 10.03 27.04 -14.01
CA MET A 121 9.08 28.18 -13.79
C MET A 121 8.62 28.72 -15.14
N LEU A 122 7.36 28.51 -15.47
CA LEU A 122 6.79 29.00 -16.75
C LEU A 122 6.32 30.45 -16.58
N HIS A 123 6.70 31.33 -17.51
CA HIS A 123 6.30 32.76 -17.53
C HIS A 123 5.53 32.99 -18.83
N LEU A 124 4.23 32.71 -18.82
CA LEU A 124 3.46 32.53 -20.07
C LEU A 124 2.75 33.82 -20.53
N THR A 125 2.67 34.89 -19.75
CA THR A 125 1.99 36.11 -20.24
C THR A 125 2.70 36.67 -21.49
N GLY A 126 2.04 36.68 -22.65
CA GLY A 126 2.62 37.15 -23.94
C GLY A 126 3.22 35.98 -24.72
N PHE A 127 2.89 34.74 -24.33
CA PHE A 127 3.46 33.51 -24.91
C PHE A 127 2.36 32.50 -25.14
N GLU A 128 2.69 31.37 -25.75
CA GLU A 128 1.74 30.26 -25.92
C GLU A 128 2.31 28.97 -25.32
N PHE A 129 1.41 28.13 -24.80
CA PHE A 129 1.66 26.76 -24.32
C PHE A 129 0.85 25.81 -25.18
N THR A 130 1.49 24.75 -25.65
CA THR A 130 0.89 23.76 -26.55
C THR A 130 1.24 22.35 -26.05
N PHE A 131 0.34 21.41 -26.26
CA PHE A 131 0.63 19.96 -26.03
C PHE A 131 -0.24 19.14 -26.95
N ASP A 132 0.21 17.92 -27.18
CA ASP A 132 -0.56 16.86 -27.85
C ASP A 132 -1.23 15.99 -26.76
N VAL A 133 -2.47 15.59 -26.97
CA VAL A 133 -3.22 14.74 -26.01
C VAL A 133 -3.91 13.59 -26.70
N ASP A 134 -3.96 12.46 -25.99
CA ASP A 134 -4.86 11.31 -26.24
C ASP A 134 -5.90 11.29 -25.13
N ALA A 135 -7.15 11.67 -25.44
CA ALA A 135 -8.25 11.74 -24.45
C ALA A 135 -9.20 10.55 -24.60
N THR A 136 -8.89 9.58 -25.47
CA THR A 136 -9.83 8.51 -25.85
C THR A 136 -10.31 7.72 -24.61
N LYS A 137 -9.46 7.53 -23.59
CA LYS A 137 -9.76 6.60 -22.47
C LYS A 137 -10.25 7.42 -21.28
N LEU A 138 -10.87 8.57 -21.52
CA LEU A 138 -11.43 9.47 -20.48
C LEU A 138 -12.93 9.64 -20.68
N PRO A 139 -13.76 8.78 -20.06
CA PRO A 139 -15.19 8.98 -20.14
C PRO A 139 -15.68 10.13 -19.28
N CYS A 140 -17.00 10.26 -19.36
CA CYS A 140 -17.77 11.13 -18.42
CA CYS A 140 -17.76 11.12 -18.44
C CYS A 140 -17.24 10.96 -17.00
N GLY A 141 -17.10 12.09 -16.30
CA GLY A 141 -16.73 12.13 -14.88
C GLY A 141 -15.22 12.02 -14.61
N MET A 142 -14.42 11.59 -15.58
CA MET A 142 -12.93 11.73 -15.49
C MET A 142 -12.48 13.18 -15.73
N ASN A 143 -11.50 13.64 -14.94
CA ASN A 143 -10.77 14.91 -15.18
C ASN A 143 -9.31 14.57 -15.45
N SER A 144 -8.83 14.78 -16.70
CA SER A 144 -7.40 14.97 -17.03
C SER A 144 -7.07 16.46 -16.96
N ALA A 145 -6.17 16.83 -16.05
CA ALA A 145 -5.84 18.23 -15.81
C ALA A 145 -4.39 18.54 -16.21
N LEU A 146 -4.20 19.75 -16.71
CA LEU A 146 -2.86 20.33 -17.01
C LEU A 146 -2.99 21.81 -16.70
N TYR A 147 -2.28 22.28 -15.69
CA TYR A 147 -2.55 23.59 -15.09
C TYR A 147 -1.32 24.12 -14.44
N LEU A 148 -1.42 25.38 -14.04
CA LEU A 148 -0.33 26.06 -13.32
C LEU A 148 -0.81 26.47 -11.95
N SER A 149 0.09 26.35 -10.99
CA SER A 149 -0.09 26.86 -9.61
C SER A 149 1.08 27.77 -9.28
N GLU A 150 0.84 28.81 -8.48
CA GLU A 150 1.94 29.68 -8.04
C GLU A 150 2.63 29.09 -6.81
N MET A 151 3.26 27.94 -7.00
CA MET A 151 4.13 27.30 -6.00
C MET A 151 5.51 27.97 -5.99
N HIS A 152 6.18 27.90 -4.85
CA HIS A 152 7.57 28.33 -4.64
C HIS A 152 8.48 27.48 -5.53
N PRO A 153 9.43 28.10 -6.25
CA PRO A 153 10.31 27.38 -7.18
C PRO A 153 11.09 26.19 -6.60
N THR A 154 11.55 26.28 -5.35
CA THR A 154 12.30 25.14 -4.71
C THR A 154 11.36 24.26 -3.86
N GLY A 155 10.05 24.45 -3.99
CA GLY A 155 9.08 23.80 -3.10
C GLY A 155 9.17 24.35 -1.68
N ALA A 156 9.68 25.58 -1.55
CA ALA A 156 9.96 26.26 -0.25
C ALA A 156 10.96 25.44 0.56
N LYS A 157 12.02 25.01 -0.11
CA LYS A 157 13.14 24.33 0.55
C LYS A 157 13.60 25.20 1.73
N SER A 158 13.82 24.59 2.89
CA SER A 158 14.08 25.33 4.14
C SER A 158 14.71 24.39 5.17
N LYS A 159 15.08 24.92 6.31
CA LYS A 159 15.80 24.11 7.34
C LYS A 159 14.99 22.84 7.66
N TYR A 160 13.68 22.94 7.87
CA TYR A 160 12.82 21.79 8.27
C TYR A 160 12.18 21.12 7.05
N ASN A 161 12.35 21.67 5.83
CA ASN A 161 11.95 21.07 4.53
C ASN A 161 13.18 20.94 3.62
N PRO A 162 14.13 20.04 3.98
CA PRO A 162 15.31 19.84 3.16
C PRO A 162 15.01 19.19 1.80
N GLY A 163 13.92 18.46 1.73
CA GLY A 163 13.48 17.73 0.52
C GLY A 163 13.13 18.70 -0.62
N GLY A 164 12.25 19.69 -0.40
CA GLY A 164 11.86 20.65 -1.47
C GLY A 164 11.25 19.99 -2.72
N ALA A 165 11.44 20.64 -3.88
CA ALA A 165 10.86 20.32 -5.19
C ALA A 165 11.31 18.93 -5.61
N TYR A 166 12.50 18.50 -5.21
CA TYR A 166 13.00 17.13 -5.50
C TYR A 166 12.00 16.09 -4.97
N TYR A 167 11.19 16.41 -3.97
CA TYR A 167 10.17 15.47 -3.42
C TYR A 167 8.75 16.03 -3.64
N GLY A 168 8.61 17.08 -4.45
CA GLY A 168 7.30 17.61 -4.82
C GLY A 168 6.58 18.39 -3.72
N THR A 169 7.28 19.10 -2.83
CA THR A 169 6.66 19.90 -1.73
C THR A 169 6.11 21.21 -2.30
N GLY A 170 5.18 21.85 -1.59
CA GLY A 170 4.76 23.24 -1.83
C GLY A 170 3.50 23.39 -2.67
N TYR A 171 2.74 22.32 -2.89
CA TYR A 171 1.49 22.38 -3.70
C TYR A 171 0.49 23.38 -3.07
N CYS A 172 -0.26 24.06 -3.92
CA CYS A 172 -1.33 25.02 -3.56
C CYS A 172 -2.24 25.14 -4.77
N ASP A 173 -3.46 25.62 -4.58
CA ASP A 173 -4.40 25.84 -5.70
C ASP A 173 -5.52 26.71 -5.14
N ALA A 174 -6.52 27.02 -5.95
CA ALA A 174 -7.47 28.11 -5.60
C ALA A 174 -8.55 27.54 -4.64
N GLN A 175 -8.48 26.27 -4.25
CA GLN A 175 -9.44 25.63 -3.33
C GLN A 175 -9.03 25.87 -1.87
N CYS A 176 -7.77 26.23 -1.59
CA CYS A 176 -7.35 26.56 -0.19
C CYS A 176 -7.61 25.33 0.70
N PHE A 177 -7.32 24.13 0.18
CA PHE A 177 -7.48 22.87 0.94
C PHE A 177 -6.51 22.84 2.12
N VAL A 178 -6.97 22.19 3.21
CA VAL A 178 -6.14 21.85 4.39
C VAL A 178 -5.38 20.55 4.05
N THR A 179 -4.06 20.58 4.17
CA THR A 179 -3.16 19.40 3.98
C THR A 179 -2.28 19.35 5.22
N PRO A 180 -1.89 18.14 5.67
CA PRO A 180 -1.09 18.04 6.89
C PRO A 180 0.31 18.65 6.82
N PHE A 181 0.82 18.82 5.58
CA PHE A 181 2.08 19.54 5.28
C PHE A 181 1.77 20.63 4.26
N ILE A 182 2.30 21.82 4.48
CA ILE A 182 2.26 22.93 3.51
C ILE A 182 3.68 23.45 3.43
N ASN A 183 4.23 23.61 2.22
CA ASN A 183 5.64 24.05 2.03
C ASN A 183 6.59 23.07 2.75
N GLY A 184 6.28 21.77 2.74
CA GLY A 184 7.03 20.67 3.40
C GLY A 184 7.13 20.81 4.92
N LEU A 185 6.25 21.59 5.55
CA LEU A 185 6.25 21.83 7.02
C LEU A 185 4.89 21.38 7.58
N GLY A 186 4.92 20.72 8.72
CA GLY A 186 3.70 20.39 9.50
C GLY A 186 2.77 21.60 9.61
N ASN A 187 1.55 21.43 9.11
CA ASN A 187 0.51 22.47 9.13
C ASN A 187 -0.17 22.45 10.52
N ILE A 188 0.56 22.83 11.57
CA ILE A 188 0.17 22.63 12.98
C ILE A 188 -1.18 23.26 13.26
N GLU A 189 -1.47 24.41 12.64
CA GLU A 189 -2.68 25.24 12.91
C GLU A 189 -3.80 24.86 11.93
N GLY A 190 -3.57 23.87 11.06
CA GLY A 190 -4.57 23.38 10.10
C GLY A 190 -5.07 24.44 9.12
N LYS A 191 -4.20 25.30 8.59
CA LYS A 191 -4.59 26.34 7.61
C LYS A 191 -4.80 25.70 6.22
N GLY A 192 -5.40 26.46 5.29
CA GLY A 192 -5.50 26.06 3.88
C GLY A 192 -4.32 26.56 3.02
N SER A 193 -4.08 25.90 1.90
CA SER A 193 -2.94 26.16 0.97
C SER A 193 -3.49 26.81 -0.31
N CYS A 194 -3.41 28.15 -0.36
CA CYS A 194 -4.02 29.03 -1.39
C CYS A 194 -2.94 29.55 -2.35
N CYS A 195 -3.22 29.50 -3.64
CA CYS A 195 -2.49 30.32 -4.63
C CYS A 195 -3.30 30.41 -5.92
N ASN A 196 -3.05 31.47 -6.71
CA ASN A 196 -3.38 31.64 -8.14
C ASN A 196 -3.14 30.32 -8.87
N GLU A 197 -4.08 29.98 -9.72
CA GLU A 197 -4.13 28.67 -10.38
C GLU A 197 -4.72 28.96 -11.75
N MET A 198 -4.03 28.59 -12.82
CA MET A 198 -4.52 28.78 -14.21
C MET A 198 -4.78 27.40 -14.76
N ASP A 199 -6.05 27.07 -15.02
CA ASP A 199 -6.46 25.73 -15.49
C ASP A 199 -6.45 25.77 -17.01
N ILE A 200 -5.27 25.51 -17.59
CA ILE A 200 -5.10 25.42 -19.05
C ILE A 200 -6.04 24.34 -19.57
N TRP A 201 -6.00 23.15 -18.98
CA TRP A 201 -6.78 22.02 -19.53
C TRP A 201 -7.39 21.21 -18.39
N GLU A 202 -8.72 21.16 -18.39
CA GLU A 202 -9.52 20.18 -17.59
C GLU A 202 -10.53 19.56 -18.53
N ALA A 203 -10.33 18.30 -18.88
CA ALA A 203 -11.09 17.69 -19.98
C ALA A 203 -11.15 16.19 -19.85
N ASN A 204 -12.13 15.65 -20.55
CA ASN A 204 -12.26 14.22 -20.89
C ASN A 204 -12.62 14.17 -22.38
N SER A 205 -12.97 13.01 -22.90
CA SER A 205 -13.41 12.80 -24.30
C SER A 205 -14.80 13.45 -24.58
N ARG A 206 -15.49 13.99 -23.56
CA ARG A 206 -16.89 14.50 -23.67
C ARG A 206 -16.94 16.03 -23.51
N ALA A 207 -15.98 16.67 -22.83
CA ALA A 207 -15.99 18.13 -22.58
C ALA A 207 -14.56 18.63 -22.35
N SER A 208 -14.34 19.91 -22.71
CA SER A 208 -13.06 20.66 -22.58
C SER A 208 -13.36 22.00 -21.90
N HIS A 209 -12.66 22.24 -20.81
CA HIS A 209 -12.79 23.39 -19.90
C HIS A 209 -11.44 24.08 -19.81
N VAL A 210 -11.48 25.40 -19.83
CA VAL A 210 -10.33 26.30 -19.56
C VAL A 210 -10.81 27.24 -18.49
N ALA A 211 -10.01 27.49 -17.46
CA ALA A 211 -10.44 28.42 -16.40
C ALA A 211 -9.27 28.99 -15.65
N PRO A 212 -9.09 30.32 -15.76
CA PRO A 212 -8.25 31.02 -14.79
C PRO A 212 -8.94 31.12 -13.43
N HIS A 213 -8.15 31.09 -12.34
CA HIS A 213 -8.60 31.29 -10.94
C HIS A 213 -7.69 32.31 -10.27
N THR A 214 -8.21 33.47 -9.88
CA THR A 214 -7.42 34.52 -9.17
C THR A 214 -7.42 34.34 -7.66
N CYS A 215 -6.34 34.76 -6.98
CA CYS A 215 -6.30 34.98 -5.51
C CYS A 215 -5.75 36.38 -5.30
N ASN A 216 -6.07 37.04 -4.20
CA ASN A 216 -5.59 38.42 -3.93
C ASN A 216 -4.30 38.33 -3.13
N LYS A 217 -3.57 37.22 -3.28
CA LYS A 217 -2.28 37.00 -2.59
C LYS A 217 -1.26 36.59 -3.65
N LYS A 218 0.00 36.96 -3.42
CA LYS A 218 1.12 36.54 -4.26
C LYS A 218 1.68 35.26 -3.63
N GLY A 219 1.91 34.25 -4.44
CA GLY A 219 2.52 33.00 -3.98
C GLY A 219 1.55 32.19 -3.14
N LEU A 220 2.08 31.25 -2.38
CA LEU A 220 1.30 30.34 -1.54
C LEU A 220 0.92 31.10 -0.27
N TYR A 221 -0.36 31.15 0.04
CA TYR A 221 -0.84 31.90 1.22
C TYR A 221 -1.53 30.90 2.14
N LEU A 222 -1.12 30.86 3.41
CA LEU A 222 -1.76 29.98 4.43
C LEU A 222 -2.99 30.72 5.00
N CYS A 223 -4.17 30.24 4.66
CA CYS A 223 -5.45 30.92 5.01
C CYS A 223 -5.98 30.34 6.34
N GLU A 224 -6.73 31.15 7.10
CA GLU A 224 -7.44 30.64 8.30
C GLU A 224 -8.88 31.13 8.27
N GLY A 225 -9.83 30.32 8.75
CA GLY A 225 -11.24 30.73 8.90
C GLY A 225 -11.84 31.07 7.56
N GLU A 226 -12.47 32.25 7.47
CA GLU A 226 -13.32 32.68 6.32
C GLU A 226 -12.44 32.88 5.09
N GLU A 227 -11.14 33.20 5.28
CA GLU A 227 -10.14 33.36 4.18
C GLU A 227 -10.16 32.15 3.23
N CYS A 228 -10.36 30.94 3.76
CA CYS A 228 -10.37 29.65 2.98
C CYS A 228 -11.72 29.42 2.28
N ALA A 229 -12.77 30.14 2.67
CA ALA A 229 -14.18 29.93 2.21
C ALA A 229 -14.46 30.62 0.87
N PHE A 230 -15.68 30.43 0.35
CA PHE A 230 -16.07 30.93 -0.99
C PHE A 230 -15.89 32.45 -1.07
N GLU A 231 -16.05 33.21 0.02
CA GLU A 231 -15.94 34.69 0.03
C GLU A 231 -14.53 35.10 0.46
N GLY A 232 -13.59 34.16 0.43
CA GLY A 232 -12.25 34.40 1.00
C GLY A 232 -11.28 34.94 -0.03
N VAL A 233 -10.02 34.51 0.08
CA VAL A 233 -8.87 35.09 -0.66
C VAL A 233 -8.74 34.49 -2.07
N CYS A 234 -9.40 33.37 -2.37
CA CYS A 234 -9.29 32.73 -3.70
C CYS A 234 -10.66 32.53 -4.34
N ASP A 235 -10.61 32.41 -5.65
CA ASP A 235 -11.71 32.16 -6.60
C ASP A 235 -11.81 30.66 -6.86
N LYS A 236 -12.75 30.00 -6.17
CA LYS A 236 -12.90 28.54 -6.21
C LYS A 236 -13.47 28.11 -7.56
N ASN A 237 -14.43 28.87 -8.09
CA ASN A 237 -15.16 28.48 -9.32
C ASN A 237 -14.29 28.72 -10.57
N GLY A 238 -13.53 29.83 -10.58
CA GLY A 238 -12.81 30.30 -11.77
C GLY A 238 -13.73 30.92 -12.80
N CYS A 239 -13.16 31.54 -13.84
CA CYS A 239 -13.91 31.97 -15.04
C CYS A 239 -13.88 30.85 -16.06
N GLY A 240 -14.97 30.09 -16.14
CA GLY A 240 -15.04 28.88 -16.96
C GLY A 240 -15.29 29.19 -18.43
N TRP A 241 -14.56 28.50 -19.31
CA TRP A 241 -14.63 28.51 -20.78
C TRP A 241 -14.84 27.08 -21.27
N ASN A 242 -16.03 26.81 -21.83
CA ASN A 242 -16.46 25.50 -22.33
C ASN A 242 -17.51 25.76 -23.42
N ASN A 243 -17.35 25.19 -24.60
CA ASN A 243 -18.30 25.40 -25.72
C ASN A 243 -19.74 25.21 -25.19
N TYR A 244 -19.99 24.10 -24.51
CA TYR A 244 -21.34 23.73 -24.02
C TYR A 244 -21.94 24.86 -23.19
N ARG A 245 -21.18 25.52 -22.32
CA ARG A 245 -21.70 26.55 -21.40
C ARG A 245 -22.13 27.81 -22.18
N VAL A 246 -21.68 27.94 -23.42
CA VAL A 246 -21.97 29.13 -24.29
C VAL A 246 -22.73 28.62 -25.52
N ASN A 247 -23.40 27.50 -25.33
CA ASN A 247 -24.52 27.03 -26.18
C ASN A 247 -23.99 26.72 -27.57
N VAL A 248 -22.77 26.15 -27.63
CA VAL A 248 -22.19 25.56 -28.86
C VAL A 248 -21.97 24.08 -28.56
N THR A 249 -22.64 23.18 -29.27
CA THR A 249 -22.80 21.77 -28.83
C THR A 249 -22.10 20.84 -29.80
N ASP A 250 -21.54 21.31 -30.92
CA ASP A 250 -20.98 20.37 -31.92
C ASP A 250 -19.46 20.54 -32.07
N TYR A 251 -18.81 21.29 -31.16
CA TYR A 251 -17.36 21.61 -31.28
C TYR A 251 -16.42 20.47 -30.87
N TYR A 252 -16.73 19.79 -29.76
CA TYR A 252 -15.78 18.86 -29.07
C TYR A 252 -16.52 17.59 -28.59
N GLY A 253 -16.15 16.41 -29.11
CA GLY A 253 -16.67 15.13 -28.59
C GLY A 253 -16.27 13.90 -29.36
N ARG A 254 -16.86 12.77 -28.97
CA ARG A 254 -16.54 11.44 -29.54
C ARG A 254 -17.24 11.30 -30.90
N GLY A 255 -16.49 11.53 -31.99
CA GLY A 255 -16.88 11.13 -33.34
C GLY A 255 -16.81 12.27 -34.36
N GLU A 256 -17.05 11.90 -35.62
CA GLU A 256 -16.81 12.75 -36.82
C GLU A 256 -17.80 13.91 -36.86
N GLU A 257 -18.84 13.93 -36.04
CA GLU A 257 -19.83 15.05 -36.05
C GLU A 257 -19.38 16.19 -35.11
N PHE A 258 -18.23 16.05 -34.45
CA PHE A 258 -17.62 17.14 -33.63
C PHE A 258 -16.45 17.72 -34.42
N LYS A 259 -16.12 19.00 -34.27
CA LYS A 259 -14.92 19.56 -34.97
C LYS A 259 -13.63 18.91 -34.40
N VAL A 260 -13.52 18.84 -33.07
CA VAL A 260 -12.41 18.12 -32.37
C VAL A 260 -12.94 16.74 -32.00
N ASN A 261 -12.50 15.72 -32.74
CA ASN A 261 -12.98 14.34 -32.61
C ASN A 261 -12.10 13.63 -31.55
N THR A 262 -12.62 13.49 -30.33
CA THR A 262 -11.87 12.98 -29.13
C THR A 262 -11.60 11.48 -29.26
N LEU A 263 -12.03 10.84 -30.35
CA LEU A 263 -11.64 9.44 -30.67
C LEU A 263 -10.26 9.39 -31.29
N LYS A 264 -9.71 10.52 -31.69
CA LYS A 264 -8.37 10.53 -32.30
C LYS A 264 -7.54 11.52 -31.49
N PRO A 265 -6.21 11.46 -31.59
CA PRO A 265 -5.34 12.41 -30.90
C PRO A 265 -5.52 13.82 -31.49
N PHE A 266 -5.19 14.83 -30.70
CA PHE A 266 -5.16 16.22 -31.19
C PHE A 266 -4.21 17.07 -30.35
N THR A 267 -3.99 18.29 -30.81
CA THR A 267 -3.09 19.30 -30.23
C THR A 267 -3.95 20.40 -29.65
N VAL A 268 -3.47 20.95 -28.54
CA VAL A 268 -4.20 21.96 -27.73
C VAL A 268 -3.27 23.16 -27.62
N VAL A 269 -3.70 24.30 -28.16
CA VAL A 269 -2.89 25.55 -28.15
C VAL A 269 -3.57 26.55 -27.23
N THR A 270 -2.79 27.22 -26.38
CA THR A 270 -3.32 28.22 -25.44
C THR A 270 -2.43 29.44 -25.51
N GLN A 271 -2.98 30.59 -25.93
CA GLN A 271 -2.22 31.85 -26.11
C GLN A 271 -2.61 32.79 -24.98
N PHE A 272 -1.64 33.42 -24.34
CA PHE A 272 -1.84 34.39 -23.24
C PHE A 272 -1.52 35.79 -23.79
N LEU A 273 -2.55 36.47 -24.30
CA LEU A 273 -2.39 37.69 -25.18
C LEU A 273 -2.39 38.94 -24.30
N ALA A 274 -1.28 39.65 -24.32
CA ALA A 274 -1.02 40.82 -23.45
C ALA A 274 -1.06 42.08 -24.30
N ASN A 275 -1.08 43.21 -23.61
CA ASN A 275 -1.05 44.58 -24.18
C ASN A 275 0.40 45.06 -24.13
N ARG A 276 0.64 46.29 -24.60
CA ARG A 276 2.00 46.90 -24.72
C ARG A 276 2.66 46.97 -23.33
N ARG A 277 1.88 47.10 -22.26
CA ARG A 277 2.42 47.24 -20.88
C ARG A 277 2.76 45.86 -20.30
N GLY A 278 2.56 44.77 -21.05
CA GLY A 278 2.74 43.39 -20.55
C GLY A 278 1.62 42.89 -19.63
N LYS A 279 0.43 43.49 -19.63
CA LYS A 279 -0.76 43.01 -18.87
C LYS A 279 -1.60 42.06 -19.72
N LEU A 280 -2.02 40.97 -19.11
CA LEU A 280 -2.84 39.93 -19.79
C LEU A 280 -4.22 40.52 -20.05
N GLU A 281 -4.76 40.31 -21.25
CA GLU A 281 -6.11 40.79 -21.60
C GLU A 281 -7.00 39.66 -22.08
N LYS A 282 -6.45 38.73 -22.86
CA LYS A 282 -7.22 37.62 -23.48
C LYS A 282 -6.49 36.29 -23.26
N ILE A 283 -7.26 35.21 -23.12
CA ILE A 283 -6.76 33.81 -23.20
C ILE A 283 -7.46 33.18 -24.39
N HIS A 284 -6.70 32.72 -25.38
CA HIS A 284 -7.21 32.21 -26.66
C HIS A 284 -6.88 30.72 -26.70
N ARG A 285 -7.91 29.88 -26.87
CA ARG A 285 -7.76 28.41 -27.02
C ARG A 285 -8.18 27.99 -28.42
N PHE A 286 -7.31 27.28 -29.12
CA PHE A 286 -7.70 26.60 -30.37
C PHE A 286 -6.98 25.24 -30.46
N TYR A 287 -7.39 24.40 -31.41
CA TYR A 287 -6.95 22.98 -31.51
C TYR A 287 -6.35 22.78 -32.88
N VAL A 288 -5.61 21.70 -33.02
CA VAL A 288 -5.13 21.21 -34.33
C VAL A 288 -5.40 19.72 -34.38
N GLN A 289 -6.00 19.21 -35.45
CA GLN A 289 -6.25 17.77 -35.63
C GLN A 289 -6.15 17.44 -37.12
N ASP A 290 -5.52 16.31 -37.43
CA ASP A 290 -5.30 15.79 -38.79
C ASP A 290 -4.67 16.91 -39.62
N GLY A 291 -3.65 17.58 -39.09
CA GLY A 291 -2.87 18.62 -39.79
C GLY A 291 -3.64 19.91 -40.02
N LYS A 292 -4.79 20.13 -39.39
CA LYS A 292 -5.57 21.37 -39.65
C LYS A 292 -5.91 22.08 -38.36
N VAL A 293 -5.80 23.40 -38.41
CA VAL A 293 -6.16 24.30 -37.29
C VAL A 293 -7.67 24.29 -37.15
N ILE A 294 -8.17 24.11 -35.93
CA ILE A 294 -9.60 24.24 -35.60
C ILE A 294 -9.72 25.49 -34.75
N GLU A 295 -10.16 26.60 -35.34
CA GLU A 295 -10.28 27.88 -34.62
C GLU A 295 -11.27 27.68 -33.47
N SER A 296 -11.16 28.50 -32.45
CA SER A 296 -12.11 28.53 -31.33
C SER A 296 -13.50 28.83 -31.89
N PHE A 297 -14.50 28.27 -31.23
CA PHE A 297 -15.93 28.67 -31.35
C PHE A 297 -16.01 30.12 -30.90
N TYR A 298 -17.05 30.80 -31.38
CA TYR A 298 -17.60 32.04 -30.76
C TYR A 298 -18.70 31.66 -29.74
N THR A 299 -18.87 32.46 -28.69
CA THR A 299 -20.03 32.34 -27.79
C THR A 299 -21.31 32.47 -28.62
N ASN A 300 -22.40 31.85 -28.16
CA ASN A 300 -23.64 31.66 -28.96
C ASN A 300 -24.83 31.70 -28.02
N LYS A 301 -24.83 32.59 -27.04
CA LYS A 301 -25.80 32.48 -25.95
C LYS A 301 -26.27 33.85 -25.49
N GLU A 302 -27.60 34.01 -25.41
CA GLU A 302 -28.26 35.30 -25.10
C GLU A 302 -27.69 35.77 -23.77
N GLY A 303 -27.29 37.04 -23.69
CA GLY A 303 -26.77 37.64 -22.45
C GLY A 303 -25.28 37.39 -22.32
N VAL A 304 -24.66 36.64 -23.24
CA VAL A 304 -23.18 36.45 -23.17
C VAL A 304 -22.52 37.25 -24.29
N PRO A 305 -21.58 38.15 -23.94
CA PRO A 305 -20.72 38.84 -24.91
C PRO A 305 -20.26 37.90 -26.01
N TYR A 306 -20.41 38.34 -27.27
CA TYR A 306 -20.02 37.53 -28.45
C TYR A 306 -18.49 37.59 -28.58
N THR A 307 -17.80 36.50 -28.22
CA THR A 307 -16.31 36.48 -28.12
C THR A 307 -15.80 35.08 -28.42
N ASN A 308 -14.52 35.00 -28.83
CA ASN A 308 -13.88 33.70 -29.14
C ASN A 308 -12.68 33.52 -28.21
N MET A 309 -12.62 34.32 -27.14
CA MET A 309 -11.49 34.37 -26.18
C MET A 309 -12.04 34.72 -24.80
N ILE A 310 -11.35 34.30 -23.75
CA ILE A 310 -11.65 34.68 -22.34
C ILE A 310 -11.15 36.10 -22.13
N ASP A 311 -11.97 36.95 -21.55
CA ASP A 311 -11.53 38.29 -21.12
C ASP A 311 -12.48 38.78 -20.03
N ASP A 312 -12.14 39.91 -19.44
CA ASP A 312 -12.92 40.51 -18.33
C ASP A 312 -14.40 40.61 -18.71
N GLU A 313 -14.73 40.99 -19.95
CA GLU A 313 -16.12 41.31 -20.35
C GLU A 313 -16.93 40.02 -20.26
N PHE A 314 -16.45 38.95 -20.90
CA PHE A 314 -17.01 37.58 -20.83
C PHE A 314 -17.12 37.08 -19.38
N CYS A 315 -16.09 37.27 -18.56
CA CYS A 315 -16.02 36.73 -17.17
C CYS A 315 -17.10 37.41 -16.29
N GLU A 316 -17.13 38.75 -16.25
CA GLU A 316 -18.14 39.60 -15.52
C GLU A 316 -19.54 39.15 -15.97
N ALA A 317 -19.74 39.03 -17.28
CA ALA A 317 -21.03 38.69 -17.92
C ALA A 317 -21.50 37.32 -17.45
N THR A 318 -20.60 36.35 -17.25
CA THR A 318 -20.99 34.93 -17.02
C THR A 318 -21.05 34.65 -15.54
N GLY A 319 -20.96 35.67 -14.69
CA GLY A 319 -21.19 35.55 -13.24
C GLY A 319 -19.94 35.22 -12.44
N SER A 320 -18.74 35.46 -12.96
CA SER A 320 -17.46 35.11 -12.27
C SER A 320 -17.05 36.19 -11.29
N ARG A 321 -17.79 36.36 -10.21
CA ARG A 321 -17.69 37.55 -9.33
C ARG A 321 -16.36 37.53 -8.55
N LYS A 322 -15.98 36.40 -7.97
CA LYS A 322 -14.74 36.39 -7.11
C LYS A 322 -13.51 36.51 -8.05
N TYR A 323 -13.61 35.95 -9.25
CA TYR A 323 -12.56 36.04 -10.31
C TYR A 323 -12.26 37.52 -10.58
N MET A 324 -13.29 38.33 -10.85
CA MET A 324 -13.20 39.82 -11.03
C MET A 324 -12.72 40.50 -9.74
N GLU A 325 -13.31 40.17 -8.58
CA GLU A 325 -13.00 40.88 -7.30
C GLU A 325 -11.54 40.63 -6.90
N LEU A 326 -11.01 39.45 -7.16
CA LEU A 326 -9.68 39.07 -6.60
C LEU A 326 -8.56 39.37 -7.61
N GLY A 327 -8.83 40.09 -8.71
CA GLY A 327 -7.79 40.62 -9.61
C GLY A 327 -8.09 40.49 -11.09
N ALA A 328 -9.08 39.69 -11.49
CA ALA A 328 -9.55 39.55 -12.88
C ALA A 328 -8.39 39.10 -13.79
N THR A 329 -8.54 39.25 -15.11
CA THR A 329 -7.59 38.74 -16.13
C THR A 329 -6.22 39.37 -15.91
N GLN A 330 -6.17 40.64 -15.51
CA GLN A 330 -4.87 41.31 -15.23
C GLN A 330 -4.18 40.62 -14.05
N GLY A 331 -4.87 40.38 -12.94
CA GLY A 331 -4.30 39.72 -11.74
C GLY A 331 -3.76 38.33 -12.05
N MET A 332 -4.46 37.56 -12.89
CA MET A 332 -4.09 36.20 -13.33
C MET A 332 -2.77 36.30 -14.11
N GLY A 333 -2.68 37.34 -14.97
CA GLY A 333 -1.51 37.61 -15.81
C GLY A 333 -0.29 37.93 -14.96
N GLU A 334 -0.51 38.60 -13.86
CA GLU A 334 0.60 39.02 -12.96
C GLU A 334 1.20 37.78 -12.28
N ALA A 335 0.37 36.81 -11.88
CA ALA A 335 0.86 35.52 -11.34
C ALA A 335 1.62 34.77 -12.43
N LEU A 336 1.08 34.72 -13.64
CA LEU A 336 1.73 34.05 -14.79
C LEU A 336 3.08 34.72 -15.10
N THR A 337 3.18 36.04 -14.95
CA THR A 337 4.43 36.81 -15.21
C THR A 337 5.41 36.56 -14.07
N ARG A 338 4.97 36.40 -12.83
CA ARG A 338 5.88 36.10 -11.70
C ARG A 338 6.47 34.68 -11.89
N GLY A 339 5.72 33.79 -12.53
CA GLY A 339 6.13 32.41 -12.85
C GLY A 339 5.32 31.40 -12.06
N MET A 340 5.00 30.28 -12.68
CA MET A 340 4.14 29.24 -12.11
C MET A 340 4.74 27.88 -12.41
N VAL A 341 4.24 26.90 -11.67
CA VAL A 341 4.69 25.49 -11.79
C VAL A 341 3.63 24.76 -12.58
N LEU A 342 4.05 23.94 -13.51
CA LEU A 342 3.13 23.06 -14.27
C LEU A 342 2.81 21.82 -13.44
N ALA A 343 1.51 21.60 -13.25
CA ALA A 343 0.92 20.40 -12.61
C ALA A 343 0.10 19.63 -13.62
N MET A 344 0.19 18.31 -13.57
CA MET A 344 -0.59 17.44 -14.48
C MET A 344 -1.16 16.30 -13.65
N SER A 345 -2.47 16.09 -13.70
CA SER A 345 -3.12 15.04 -12.88
C SER A 345 -4.27 14.39 -13.64
N ILE A 346 -4.76 13.31 -13.05
CA ILE A 346 -5.96 12.55 -13.46
C ILE A 346 -6.70 12.15 -12.18
N TRP A 347 -7.98 12.51 -12.12
CA TRP A 347 -8.79 12.26 -10.91
C TRP A 347 -10.28 12.11 -11.24
N TRP A 348 -11.04 11.49 -10.32
CA TRP A 348 -12.53 11.41 -10.42
C TRP A 348 -13.14 12.00 -9.16
N ASP A 349 -14.46 12.15 -9.15
CA ASP A 349 -15.19 12.93 -8.13
C ASP A 349 -16.32 12.06 -7.56
N GLN A 350 -16.05 11.33 -6.46
CA GLN A 350 -17.05 10.46 -5.79
C GLN A 350 -18.27 11.30 -5.39
N GLY A 351 -18.06 12.48 -4.83
CA GLY A 351 -19.12 13.43 -4.42
C GLY A 351 -19.98 13.96 -5.56
N GLY A 352 -19.39 14.70 -6.51
CA GLY A 352 -20.07 15.52 -7.53
C GLY A 352 -20.10 14.90 -8.91
N ASN A 353 -19.36 13.81 -9.17
CA ASN A 353 -19.34 13.11 -10.48
C ASN A 353 -18.75 14.00 -11.61
N MET A 354 -18.07 15.08 -11.25
CA MET A 354 -17.43 16.05 -12.18
C MET A 354 -18.53 16.71 -13.05
N GLU A 355 -19.75 16.90 -12.52
CA GLU A 355 -20.88 17.44 -13.33
C GLU A 355 -20.54 18.84 -13.89
N TRP A 356 -19.85 19.67 -13.12
CA TRP A 356 -19.37 21.01 -13.54
C TRP A 356 -18.56 20.91 -14.84
N LEU A 357 -18.00 19.75 -15.16
CA LEU A 357 -17.16 19.60 -16.38
C LEU A 357 -17.99 19.20 -17.60
N ASP A 358 -18.88 18.22 -17.51
CA ASP A 358 -19.38 17.53 -18.72
C ASP A 358 -20.91 17.25 -18.71
N HIS A 359 -21.64 17.80 -17.76
CA HIS A 359 -23.06 17.43 -17.48
C HIS A 359 -23.94 18.69 -17.61
N GLY A 360 -25.18 18.53 -18.09
CA GLY A 360 -26.17 19.62 -18.03
C GLY A 360 -25.76 20.72 -19.01
N GLU A 361 -25.59 21.93 -18.49
CA GLU A 361 -25.14 23.13 -19.25
C GLU A 361 -23.69 22.90 -19.72
N ALA A 362 -22.91 21.96 -19.13
CA ALA A 362 -21.45 21.80 -19.42
C ALA A 362 -21.17 20.66 -20.38
N GLY A 363 -22.17 19.87 -20.73
CA GLY A 363 -21.91 18.76 -21.67
C GLY A 363 -23.05 17.76 -21.78
N PRO A 364 -22.76 16.66 -22.49
CA PRO A 364 -23.72 15.64 -22.87
C PRO A 364 -23.92 14.46 -21.90
N CYS A 365 -23.40 14.57 -20.68
CA CYS A 365 -23.37 13.42 -19.74
C CYS A 365 -24.61 13.44 -18.84
N ALA A 366 -25.28 12.29 -18.73
CA ALA A 366 -26.49 12.09 -17.90
C ALA A 366 -26.15 12.10 -16.40
N LYS A 367 -27.14 12.41 -15.55
CA LYS A 367 -27.08 12.28 -14.06
C LYS A 367 -26.56 10.85 -13.78
N GLY A 368 -25.53 10.76 -12.92
CA GLY A 368 -24.93 9.48 -12.52
C GLY A 368 -23.93 8.89 -13.51
N GLU A 369 -23.86 9.37 -14.75
CA GLU A 369 -22.99 8.72 -15.77
C GLU A 369 -21.51 8.81 -15.34
N GLY A 370 -21.16 9.89 -14.64
CA GLY A 370 -19.79 10.24 -14.24
C GLY A 370 -19.42 9.73 -12.84
N ALA A 371 -20.30 8.95 -12.18
CA ALA A 371 -20.01 8.30 -10.89
C ALA A 371 -18.90 7.29 -11.16
N PRO A 372 -17.88 7.20 -10.27
CA PRO A 372 -16.84 6.18 -10.40
C PRO A 372 -17.36 4.75 -10.60
N SER A 373 -18.48 4.39 -9.95
CA SER A 373 -19.12 3.04 -10.13
C SER A 373 -19.50 2.86 -11.60
N ASN A 374 -19.89 3.95 -12.28
CA ASN A 374 -20.23 3.83 -13.73
C ASN A 374 -18.97 4.02 -14.60
N ILE A 375 -18.06 4.94 -14.28
CA ILE A 375 -16.79 5.11 -15.08
C ILE A 375 -16.13 3.77 -15.39
N VAL A 376 -16.00 2.90 -14.39
CA VAL A 376 -15.18 1.64 -14.56
C VAL A 376 -15.89 0.64 -15.48
N GLN A 377 -17.20 0.75 -15.62
CA GLN A 377 -17.98 -0.09 -16.59
C GLN A 377 -17.74 0.42 -18.01
N VAL A 378 -17.63 1.73 -18.18
CA VAL A 378 -17.35 2.34 -19.52
C VAL A 378 -15.86 2.19 -19.81
N GLU A 379 -14.97 2.52 -18.86
CA GLU A 379 -13.50 2.35 -19.09
C GLU A 379 -12.86 1.85 -17.79
N PRO A 380 -12.53 0.54 -17.70
CA PRO A 380 -12.01 -0.02 -16.45
C PRO A 380 -10.66 0.62 -16.04
N PHE A 381 -9.86 1.09 -17.00
CA PHE A 381 -8.51 1.68 -16.77
C PHE A 381 -8.37 3.04 -17.44
N PRO A 382 -9.02 4.08 -16.90
CA PRO A 382 -8.87 5.42 -17.46
C PRO A 382 -7.41 5.89 -17.37
N GLU A 383 -6.99 6.61 -18.40
CA GLU A 383 -5.62 7.12 -18.53
C GLU A 383 -5.62 8.30 -19.49
N VAL A 384 -4.59 9.12 -19.42
CA VAL A 384 -4.35 10.26 -20.34
C VAL A 384 -2.87 10.21 -20.72
N THR A 385 -2.53 10.62 -21.95
CA THR A 385 -1.13 10.84 -22.37
C THR A 385 -0.95 12.24 -22.91
N TYR A 386 -0.04 12.99 -22.32
CA TYR A 386 0.36 14.34 -22.78
C TYR A 386 1.70 14.19 -23.50
N THR A 387 1.82 14.76 -24.69
CA THR A 387 3.00 14.54 -25.55
C THR A 387 3.51 15.86 -26.11
N ASN A 388 4.83 16.02 -26.14
CA ASN A 388 5.49 17.20 -26.79
C ASN A 388 5.04 18.48 -26.11
N LEU A 389 5.15 18.56 -24.79
CA LEU A 389 4.96 19.83 -24.07
C LEU A 389 5.93 20.90 -24.63
N ARG A 390 5.37 22.05 -24.99
CA ARG A 390 6.19 23.05 -25.72
C ARG A 390 5.57 24.41 -25.54
N TRP A 391 6.42 25.38 -25.28
CA TRP A 391 5.95 26.76 -25.03
C TRP A 391 6.94 27.75 -25.62
N GLY A 392 6.42 28.93 -25.96
CA GLY A 392 7.27 30.01 -26.47
C GLY A 392 6.47 31.01 -27.28
N GLU A 393 7.05 31.44 -28.40
CA GLU A 393 6.53 32.66 -29.08
C GLU A 393 5.14 32.39 -29.64
N ILE A 394 4.27 33.36 -29.54
CA ILE A 394 2.94 33.26 -30.21
C ILE A 394 3.13 32.84 -31.67
N GLY A 395 2.40 31.82 -32.09
CA GLY A 395 2.40 31.30 -33.48
C GLY A 395 3.51 30.34 -33.80
N SER A 396 4.45 30.06 -32.88
CA SER A 396 5.64 29.22 -33.18
C SER A 396 5.41 27.74 -32.80
N THR A 397 4.37 27.35 -32.06
CA THR A 397 4.37 26.00 -31.42
C THR A 397 3.69 24.92 -32.27
N TYR A 398 3.04 25.24 -33.39
CA TYR A 398 2.22 24.25 -34.16
C TYR A 398 2.57 24.27 -35.67
N GLN A 399 2.57 23.09 -36.31
CA GLN A 399 2.81 22.88 -37.78
C GLN A 399 1.49 22.45 -38.46
N GLU A 400 1.14 23.17 -39.52
CA GLU A 400 -0.11 23.07 -40.31
C GLU A 400 -1.26 23.70 -39.49
N LYS B 2 -9.72 -15.58 -7.44
CA LYS B 2 -9.18 -15.93 -8.74
C LYS B 2 -7.79 -15.32 -8.96
N PRO B 3 -6.79 -16.13 -9.33
CA PRO B 3 -5.46 -15.60 -9.58
C PRO B 3 -5.54 -14.51 -10.66
N GLY B 4 -4.92 -13.37 -10.41
CA GLY B 4 -4.75 -12.26 -11.36
C GLY B 4 -3.60 -12.52 -12.31
N GLU B 5 -3.18 -11.47 -13.00
CA GLU B 5 -2.13 -11.54 -14.05
C GLU B 5 -0.74 -11.43 -13.45
N THR B 6 -0.52 -10.72 -12.34
CA THR B 6 0.86 -10.50 -11.80
C THR B 6 1.55 -11.87 -11.55
N LYS B 7 2.77 -12.08 -12.04
CA LYS B 7 3.60 -13.28 -11.72
C LYS B 7 3.75 -13.39 -10.19
N GLU B 8 3.77 -14.63 -9.71
CA GLU B 8 4.07 -15.03 -8.33
C GLU B 8 5.47 -15.62 -8.38
N VAL B 9 6.43 -15.03 -7.67
CA VAL B 9 7.84 -15.54 -7.74
C VAL B 9 8.21 -16.04 -6.36
N HIS B 10 8.30 -17.34 -6.18
CA HIS B 10 8.48 -17.97 -4.85
C HIS B 10 9.95 -17.96 -4.52
N PRO B 11 10.36 -17.47 -3.32
CA PRO B 11 11.70 -17.70 -2.82
C PRO B 11 12.00 -19.19 -2.68
N GLN B 12 13.21 -19.55 -3.03
CA GLN B 12 13.67 -20.94 -2.92
C GLN B 12 14.38 -21.15 -1.59
N LEU B 13 14.17 -22.31 -0.99
CA LEU B 13 14.80 -22.64 0.28
C LEU B 13 15.16 -24.11 0.23
N THR B 14 16.46 -24.42 0.29
CA THR B 14 16.94 -25.80 0.53
C THR B 14 16.73 -26.11 1.98
N THR B 15 16.18 -27.28 2.26
CA THR B 15 15.97 -27.87 3.59
C THR B 15 16.59 -29.26 3.59
N PHE B 16 16.46 -30.04 4.66
CA PHE B 16 17.24 -31.30 4.75
C PHE B 16 16.42 -32.39 5.44
N ARG B 17 16.67 -33.65 5.06
CA ARG B 17 16.06 -34.86 5.63
C ARG B 17 17.20 -35.72 6.13
N CYS B 18 17.06 -36.30 7.30
CA CYS B 18 18.23 -36.77 8.09
C CYS B 18 17.97 -38.20 8.54
N THR B 19 18.99 -39.06 8.46
CA THR B 19 18.99 -40.40 9.10
C THR B 19 20.32 -40.64 9.83
N LYS B 20 20.27 -41.46 10.88
CA LYS B 20 21.46 -41.92 11.67
C LYS B 20 22.47 -42.52 10.68
N ARG B 21 22.07 -43.53 9.88
CA ARG B 21 22.96 -44.22 8.89
C ARG B 21 23.40 -43.25 7.76
N GLY B 22 22.54 -42.31 7.32
CA GLY B 22 22.75 -41.56 6.06
C GLY B 22 23.15 -40.08 6.22
N GLY B 23 23.04 -39.50 7.42
CA GLY B 23 23.25 -38.05 7.67
C GLY B 23 22.16 -37.19 7.03
N CYS B 24 22.44 -35.91 6.74
CA CYS B 24 21.44 -34.91 6.32
C CYS B 24 21.59 -34.71 4.82
N LYS B 25 20.53 -34.94 4.03
CA LYS B 25 20.56 -34.85 2.55
C LYS B 25 19.68 -33.67 2.17
N PRO B 26 20.09 -32.85 1.20
CA PRO B 26 19.27 -31.73 0.74
C PRO B 26 17.95 -32.05 0.03
N ALA B 27 16.99 -31.14 0.17
CA ALA B 27 15.68 -31.21 -0.50
C ALA B 27 15.29 -29.80 -0.94
N THR B 28 14.68 -29.70 -2.11
CA THR B 28 14.28 -28.44 -2.76
C THR B 28 12.90 -28.06 -2.22
N ASN B 29 12.77 -26.82 -1.71
CA ASN B 29 11.50 -26.35 -1.13
C ASN B 29 11.35 -24.91 -1.56
N PHE B 30 10.12 -24.41 -1.47
CA PHE B 30 9.81 -23.01 -1.86
C PHE B 30 8.98 -22.43 -0.72
N ILE B 31 8.85 -21.12 -0.75
CA ILE B 31 8.21 -20.32 0.30
C ILE B 31 7.04 -19.62 -0.35
N VAL B 32 5.90 -19.62 0.34
CA VAL B 32 4.74 -18.86 -0.18
C VAL B 32 4.08 -18.07 0.98
N LEU B 33 3.79 -16.80 0.73
CA LEU B 33 3.04 -15.93 1.64
C LEU B 33 1.59 -16.40 1.74
N ASP B 34 0.97 -16.14 2.87
CA ASP B 34 -0.46 -16.47 3.02
C ASP B 34 -1.26 -15.85 1.87
N SER B 35 -2.27 -16.55 1.38
CA SER B 35 -3.17 -16.07 0.30
C SER B 35 -3.64 -14.65 0.58
N LEU B 36 -4.10 -14.39 1.80
CA LEU B 36 -4.83 -13.13 2.11
C LEU B 36 -3.84 -11.99 2.39
N SER B 37 -2.53 -12.26 2.30
CA SER B 37 -1.44 -11.25 2.28
C SER B 37 -1.15 -10.82 0.85
N HIS B 38 -1.58 -11.58 -0.16
CA HIS B 38 -1.49 -11.13 -1.57
C HIS B 38 -2.46 -9.98 -1.74
N PRO B 39 -2.22 -9.04 -2.70
CA PRO B 39 -3.19 -8.02 -3.04
C PRO B 39 -4.43 -8.76 -3.56
N ILE B 40 -5.57 -8.45 -2.97
CA ILE B 40 -6.89 -8.96 -3.37
C ILE B 40 -7.79 -7.77 -3.72
N HIS B 41 -8.36 -7.74 -4.92
CA HIS B 41 -9.09 -6.55 -5.44
C HIS B 41 -10.31 -7.02 -6.22
N ARG B 42 -11.28 -6.12 -6.42
CA ARG B 42 -12.45 -6.43 -7.29
C ARG B 42 -12.00 -6.57 -8.74
N ALA B 43 -12.70 -7.38 -9.53
CA ALA B 43 -12.33 -7.68 -10.93
C ALA B 43 -12.60 -6.46 -11.81
N GLU B 44 -12.00 -6.48 -13.00
CA GLU B 44 -12.10 -5.45 -14.07
C GLU B 44 -13.56 -5.13 -14.34
N GLY B 45 -13.98 -3.87 -14.22
CA GLY B 45 -15.39 -3.50 -14.48
C GLY B 45 -16.18 -3.27 -13.21
N LEU B 46 -15.62 -3.68 -12.05
CA LEU B 46 -16.23 -3.46 -10.71
C LEU B 46 -15.59 -2.24 -10.02
N GLY B 47 -16.40 -1.47 -9.29
CA GLY B 47 -15.94 -0.23 -8.62
C GLY B 47 -14.83 -0.62 -7.65
N PRO B 48 -13.61 -0.06 -7.76
CA PRO B 48 -12.45 -0.65 -7.08
C PRO B 48 -12.73 -0.75 -5.58
N GLY B 49 -12.08 -1.69 -4.93
CA GLY B 49 -12.33 -2.01 -3.51
C GLY B 49 -11.74 -3.38 -3.22
N GLY B 50 -11.92 -3.85 -1.98
CA GLY B 50 -11.38 -5.13 -1.53
C GLY B 50 -12.48 -6.16 -1.41
N CYS B 51 -12.11 -7.36 -0.97
CA CYS B 51 -13.00 -8.51 -0.74
C CYS B 51 -13.01 -8.97 0.71
N GLY B 52 -12.91 -8.05 1.65
CA GLY B 52 -13.18 -8.31 3.08
C GLY B 52 -11.93 -8.20 3.95
N ASP B 53 -12.08 -7.80 5.20
CA ASP B 53 -11.00 -7.67 6.21
C ASP B 53 -10.96 -8.96 7.03
N TRP B 54 -9.79 -9.25 7.58
CA TRP B 54 -9.65 -10.32 8.58
C TRP B 54 -10.80 -10.22 9.59
N GLY B 55 -11.37 -11.34 10.03
CA GLY B 55 -12.41 -11.32 11.08
C GLY B 55 -13.82 -11.30 10.50
N ASN B 56 -13.98 -11.21 9.18
CA ASN B 56 -15.29 -10.97 8.55
C ASN B 56 -15.48 -11.88 7.36
N PRO B 57 -16.75 -12.15 6.99
CA PRO B 57 -17.06 -12.72 5.69
C PRO B 57 -16.70 -11.70 4.63
N PRO B 58 -16.65 -12.09 3.36
CA PRO B 58 -16.45 -11.16 2.25
C PRO B 58 -17.72 -10.34 2.03
N PRO B 59 -17.64 -9.15 1.40
CA PRO B 59 -18.82 -8.28 1.25
C PRO B 59 -19.89 -8.92 0.33
N LYS B 60 -21.15 -8.75 0.74
CA LYS B 60 -22.38 -9.34 0.13
C LYS B 60 -22.51 -8.84 -1.32
N ASP B 61 -22.14 -7.59 -1.61
CA ASP B 61 -22.30 -7.02 -2.99
C ASP B 61 -21.46 -7.76 -4.04
N VAL B 62 -20.18 -8.13 -3.81
CA VAL B 62 -19.38 -8.93 -4.81
C VAL B 62 -19.40 -10.43 -4.48
N CYS B 63 -19.74 -10.79 -3.24
CA CYS B 63 -19.63 -12.19 -2.75
C CYS B 63 -20.95 -12.67 -2.16
N PRO B 64 -22.05 -12.65 -2.96
CA PRO B 64 -23.36 -13.10 -2.48
C PRO B 64 -23.29 -14.63 -2.31
N ASP B 65 -22.47 -15.31 -3.12
CA ASP B 65 -22.24 -16.77 -3.05
C ASP B 65 -20.80 -17.11 -3.50
N VAL B 66 -20.41 -18.38 -3.40
CA VAL B 66 -19.06 -18.82 -3.80
C VAL B 66 -18.76 -18.58 -5.29
N GLU B 67 -19.67 -18.92 -6.23
CA GLU B 67 -19.39 -18.80 -7.70
C GLU B 67 -19.07 -17.32 -8.02
N SER B 68 -19.79 -16.39 -7.40
CA SER B 68 -19.69 -14.93 -7.69
C SER B 68 -18.38 -14.40 -7.10
N CYS B 69 -18.17 -14.68 -5.83
CA CYS B 69 -16.90 -14.33 -5.13
C CYS B 69 -15.71 -14.82 -5.97
N ALA B 70 -15.77 -16.02 -6.51
CA ALA B 70 -14.65 -16.65 -7.24
C ALA B 70 -14.33 -15.93 -8.57
N LYS B 71 -15.23 -15.09 -9.10
CA LYS B 71 -14.99 -14.39 -10.39
C LYS B 71 -14.75 -12.90 -10.11
N ASN B 72 -15.38 -12.35 -9.06
CA ASN B 72 -15.36 -10.91 -8.72
C ASN B 72 -14.13 -10.53 -7.89
N CYS B 73 -13.50 -11.48 -7.20
CA CYS B 73 -12.37 -11.18 -6.30
C CYS B 73 -11.11 -11.77 -6.88
N ILE B 74 -10.08 -10.93 -7.09
CA ILE B 74 -8.84 -11.25 -7.83
C ILE B 74 -7.67 -11.19 -6.84
N MET B 75 -6.85 -12.21 -6.81
CA MET B 75 -5.68 -12.34 -5.93
C MET B 75 -4.44 -12.25 -6.84
N GLU B 76 -3.66 -11.16 -6.74
CA GLU B 76 -2.45 -10.96 -7.58
C GLU B 76 -1.29 -11.75 -6.99
N GLY B 77 -0.50 -12.39 -7.86
CA GLY B 77 0.89 -12.79 -7.60
C GLY B 77 1.74 -11.69 -6.97
N ILE B 78 2.70 -12.12 -6.18
CA ILE B 78 3.75 -11.23 -5.61
C ILE B 78 5.03 -11.54 -6.37
N PRO B 79 5.51 -10.63 -7.24
CA PRO B 79 6.74 -10.87 -7.99
C PRO B 79 8.00 -10.60 -7.19
N ASP B 80 7.90 -9.84 -6.09
CA ASP B 80 9.07 -9.50 -5.24
C ASP B 80 8.69 -9.63 -3.76
N TYR B 81 9.08 -10.76 -3.17
CA TYR B 81 8.74 -11.16 -1.78
C TYR B 81 9.45 -10.24 -0.77
N SER B 82 10.53 -9.60 -1.20
CA SER B 82 11.36 -8.72 -0.33
C SER B 82 10.48 -7.52 0.08
N GLN B 83 9.46 -7.20 -0.71
CA GLN B 83 8.54 -6.07 -0.45
C GLN B 83 7.70 -6.43 0.78
N TYR B 84 7.71 -7.68 1.21
CA TYR B 84 6.86 -8.20 2.31
C TYR B 84 7.79 -8.71 3.41
N GLY B 85 9.08 -8.35 3.37
CA GLY B 85 10.02 -8.74 4.43
C GLY B 85 10.39 -10.21 4.41
N VAL B 86 10.30 -10.85 3.23
CA VAL B 86 10.60 -12.31 3.08
C VAL B 86 11.73 -12.46 2.05
N THR B 87 12.87 -12.97 2.50
CA THR B 87 14.06 -13.19 1.65
C THR B 87 14.64 -14.54 2.05
N THR B 88 15.28 -15.21 1.10
CA THR B 88 16.15 -16.39 1.37
C THR B 88 17.48 -16.14 0.64
N ASN B 89 18.53 -16.83 1.09
CA ASN B 89 19.89 -16.87 0.50
C ASN B 89 20.24 -18.33 0.17
N GLY B 90 19.23 -19.17 0.01
CA GLY B 90 19.39 -20.58 -0.35
C GLY B 90 19.23 -21.51 0.83
N THR B 91 19.85 -21.28 2.00
CA THR B 91 19.49 -22.17 3.16
C THR B 91 18.89 -21.40 4.36
N SER B 92 18.74 -20.09 4.27
CA SER B 92 18.20 -19.30 5.40
C SER B 92 16.98 -18.54 4.92
N LEU B 93 15.98 -18.43 5.80
CA LEU B 93 14.78 -17.60 5.58
C LEU B 93 14.87 -16.45 6.60
N ARG B 94 14.85 -15.24 6.13
CA ARG B 94 14.83 -14.02 6.96
C ARG B 94 13.42 -13.47 6.90
N LEU B 95 12.80 -13.30 8.07
CA LEU B 95 11.49 -12.60 8.18
C LEU B 95 11.70 -11.27 8.88
N GLN B 96 11.49 -10.17 8.15
CA GLN B 96 11.57 -8.82 8.70
C GLN B 96 10.15 -8.39 9.13
N HIS B 97 9.93 -8.04 10.38
CA HIS B 97 8.59 -7.56 10.82
C HIS B 97 8.31 -6.17 10.24
N ILE B 98 9.34 -5.31 10.31
CA ILE B 98 9.37 -3.90 9.86
C ILE B 98 10.51 -3.76 8.86
N LEU B 99 10.24 -3.22 7.69
CA LEU B 99 11.29 -2.90 6.68
C LEU B 99 11.95 -1.58 7.03
N PRO B 100 13.19 -1.33 6.51
CA PRO B 100 13.87 -0.07 6.75
C PRO B 100 12.98 1.13 6.41
N ASP B 101 12.08 1.01 5.44
CA ASP B 101 11.26 2.15 5.00
C ASP B 101 9.99 2.29 5.85
N GLY B 102 9.84 1.48 6.90
CA GLY B 102 8.77 1.65 7.91
C GLY B 102 7.51 0.86 7.59
N ARG B 103 7.43 0.14 6.46
CA ARG B 103 6.28 -0.76 6.26
C ARG B 103 6.39 -1.87 7.32
N VAL B 104 5.24 -2.37 7.73
CA VAL B 104 5.15 -3.46 8.73
C VAL B 104 4.47 -4.64 8.07
N PRO B 105 5.16 -5.44 7.25
CA PRO B 105 4.48 -6.57 6.59
C PRO B 105 4.16 -7.77 7.51
N SER B 106 4.87 -7.98 8.63
CA SER B 106 4.56 -9.07 9.59
C SER B 106 4.29 -10.35 8.80
N PRO B 107 5.23 -10.84 8.00
CA PRO B 107 4.91 -11.95 7.09
C PRO B 107 4.58 -13.26 7.77
N ARG B 108 3.68 -14.02 7.16
CA ARG B 108 3.49 -15.45 7.48
C ARG B 108 3.61 -16.21 6.16
N VAL B 109 4.35 -17.31 6.19
CA VAL B 109 4.74 -18.08 4.97
C VAL B 109 4.59 -19.56 5.28
N TYR B 110 4.38 -20.37 4.23
CA TYR B 110 4.31 -21.86 4.31
C TYR B 110 5.42 -22.45 3.42
N LEU B 111 5.80 -23.68 3.73
CA LEU B 111 6.81 -24.43 2.96
C LEU B 111 6.09 -25.26 1.86
N LEU B 112 6.38 -24.96 0.59
CA LEU B 112 5.94 -25.70 -0.63
C LEU B 112 6.92 -26.82 -0.93
N ASP B 113 6.46 -27.93 -1.50
CA ASP B 113 7.39 -28.94 -2.10
C ASP B 113 8.01 -28.40 -3.40
N LYS B 114 8.85 -29.21 -4.05
CA LYS B 114 9.60 -28.91 -5.32
C LYS B 114 8.64 -28.50 -6.43
N THR B 115 7.37 -28.91 -6.41
CA THR B 115 6.44 -28.54 -7.54
C THR B 115 5.85 -27.13 -7.41
N LYS B 116 5.94 -26.52 -6.22
CA LYS B 116 5.32 -25.22 -5.89
C LYS B 116 3.79 -25.31 -5.84
N ARG B 117 3.22 -26.52 -5.93
CA ARG B 117 1.73 -26.68 -6.07
C ARG B 117 1.13 -27.55 -4.98
N ARG B 118 2.00 -28.07 -4.13
CA ARG B 118 1.60 -28.84 -2.94
C ARG B 118 2.50 -28.41 -1.77
N TYR B 119 1.91 -28.28 -0.58
CA TYR B 119 2.70 -27.98 0.66
C TYR B 119 3.54 -29.22 0.94
N GLU B 120 4.76 -29.02 1.42
CA GLU B 120 5.55 -30.13 2.01
C GLU B 120 4.80 -30.67 3.21
N MET B 121 4.45 -31.94 3.21
CA MET B 121 3.70 -32.55 4.32
C MET B 121 4.71 -33.20 5.26
N LEU B 122 4.80 -32.68 6.49
CA LEU B 122 5.67 -33.23 7.55
C LEU B 122 4.87 -34.25 8.38
N HIS B 123 5.42 -35.46 8.55
CA HIS B 123 4.87 -36.53 9.43
C HIS B 123 5.91 -36.69 10.56
N LEU B 124 5.74 -35.99 11.70
CA LEU B 124 6.85 -35.83 12.69
C LEU B 124 6.72 -36.81 13.87
N THR B 125 5.61 -37.51 14.05
CA THR B 125 5.46 -38.42 15.20
C THR B 125 6.54 -39.53 15.07
N GLY B 126 7.48 -39.64 16.00
CA GLY B 126 8.62 -40.61 16.01
C GLY B 126 9.86 -40.03 15.39
N PHE B 127 9.86 -38.73 15.08
CA PHE B 127 10.96 -38.02 14.37
C PHE B 127 11.30 -36.74 15.14
N GLU B 128 12.22 -35.95 14.60
CA GLU B 128 12.68 -34.72 15.25
C GLU B 128 12.76 -33.70 14.16
N PHE B 129 12.48 -32.46 14.54
CA PHE B 129 12.57 -31.28 13.67
C PHE B 129 13.60 -30.35 14.31
N THR B 130 14.49 -29.77 13.54
CA THR B 130 15.59 -28.97 14.07
C THR B 130 15.83 -27.80 13.12
N PHE B 131 16.19 -26.68 13.70
CA PHE B 131 16.66 -25.52 12.90
C PHE B 131 17.64 -24.70 13.70
N ASP B 132 18.31 -23.79 13.02
CA ASP B 132 19.23 -22.82 13.62
C ASP B 132 18.46 -21.50 13.59
N VAL B 133 18.57 -20.70 14.64
CA VAL B 133 17.83 -19.42 14.72
C VAL B 133 18.78 -18.30 15.19
N ASP B 134 18.57 -17.09 14.67
CA ASP B 134 19.08 -15.84 15.27
C ASP B 134 17.89 -15.09 15.86
N ALA B 135 17.79 -15.05 17.20
CA ALA B 135 16.68 -14.41 17.97
C ALA B 135 17.07 -13.03 18.52
N THR B 136 18.26 -12.50 18.20
CA THR B 136 18.85 -11.27 18.82
C THR B 136 17.92 -10.05 18.63
N LYS B 137 17.17 -9.97 17.51
CA LYS B 137 16.44 -8.74 17.17
C LYS B 137 14.96 -8.92 17.51
N LEU B 138 14.68 -9.81 18.45
CA LEU B 138 13.32 -10.04 19.02
C LEU B 138 13.26 -9.64 20.49
N PRO B 139 12.79 -8.42 20.75
CA PRO B 139 12.52 -8.01 22.13
C PRO B 139 11.22 -8.58 22.70
N CYS B 140 10.94 -8.25 23.96
CA CYS B 140 9.67 -8.50 24.65
C CYS B 140 8.57 -8.13 23.66
N GLY B 141 7.52 -8.93 23.58
CA GLY B 141 6.30 -8.62 22.80
C GLY B 141 6.33 -9.14 21.37
N MET B 142 7.52 -9.42 20.83
CA MET B 142 7.64 -10.01 19.47
C MET B 142 7.39 -11.51 19.60
N ASN B 143 6.69 -12.09 18.65
CA ASN B 143 6.55 -13.57 18.51
C ASN B 143 7.17 -13.99 17.16
N SER B 144 8.34 -14.64 17.17
CA SER B 144 8.83 -15.37 15.98
C SER B 144 8.25 -16.77 16.11
N ALA B 145 7.50 -17.25 15.11
CA ALA B 145 6.79 -18.54 15.20
C ALA B 145 7.26 -19.46 14.06
N LEU B 146 7.32 -20.72 14.40
CA LEU B 146 7.61 -21.82 13.46
C LEU B 146 6.76 -22.97 13.99
N TYR B 147 5.71 -23.32 13.23
CA TYR B 147 4.65 -24.23 13.72
C TYR B 147 4.04 -25.03 12.56
N LEU B 148 3.22 -25.99 12.94
CA LEU B 148 2.52 -26.89 12.03
C LEU B 148 1.02 -26.58 12.14
N SER B 149 0.33 -26.56 11.00
CA SER B 149 -1.16 -26.60 10.93
C SER B 149 -1.56 -27.75 10.03
N GLU B 150 -2.69 -28.38 10.33
CA GLU B 150 -3.20 -29.50 9.50
C GLU B 150 -4.00 -28.90 8.34
N MET B 151 -3.34 -28.11 7.49
CA MET B 151 -3.86 -27.56 6.22
C MET B 151 -3.92 -28.68 5.19
N HIS B 152 -4.85 -28.54 4.24
CA HIS B 152 -4.99 -29.46 3.07
C HIS B 152 -3.74 -29.37 2.20
N PRO B 153 -3.16 -30.51 1.74
CA PRO B 153 -1.89 -30.45 0.99
C PRO B 153 -1.86 -29.58 -0.27
N THR B 154 -2.98 -29.41 -0.99
CA THR B 154 -3.00 -28.55 -2.21
C THR B 154 -3.62 -27.19 -1.87
N GLY B 155 -3.79 -26.87 -0.59
CA GLY B 155 -4.52 -25.66 -0.19
C GLY B 155 -5.99 -25.73 -0.61
N ALA B 156 -6.50 -26.96 -0.77
CA ALA B 156 -7.89 -27.37 -1.12
C ALA B 156 -8.19 -26.85 -2.52
N LYS B 157 -7.23 -27.05 -3.43
CA LYS B 157 -7.31 -26.58 -4.83
C LYS B 157 -8.62 -27.17 -5.39
N SER B 158 -9.43 -26.38 -6.08
CA SER B 158 -10.80 -26.78 -6.47
C SER B 158 -11.26 -25.93 -7.64
N LYS B 159 -12.43 -26.23 -8.17
CA LYS B 159 -13.00 -25.47 -9.30
C LYS B 159 -12.89 -23.97 -8.97
N TYR B 160 -13.42 -23.51 -7.85
CA TYR B 160 -13.49 -22.06 -7.53
C TYR B 160 -12.16 -21.57 -6.87
N ASN B 161 -11.26 -22.49 -6.51
CA ASN B 161 -9.91 -22.18 -5.94
C ASN B 161 -8.85 -22.80 -6.85
N PRO B 162 -8.65 -22.25 -8.05
CA PRO B 162 -7.61 -22.76 -8.95
C PRO B 162 -6.20 -22.39 -8.46
N GLY B 163 -6.05 -21.32 -7.67
CA GLY B 163 -4.77 -20.91 -7.07
C GLY B 163 -4.13 -22.00 -6.24
N GLY B 164 -4.84 -22.49 -5.21
CA GLY B 164 -4.32 -23.55 -4.33
C GLY B 164 -3.05 -23.14 -3.55
N ALA B 165 -2.23 -24.10 -3.18
CA ALA B 165 -1.04 -23.90 -2.33
C ALA B 165 -0.07 -22.91 -3.01
N TYR B 166 -0.03 -22.85 -4.35
CA TYR B 166 0.88 -21.97 -5.14
C TYR B 166 0.69 -20.50 -4.71
N TYR B 167 -0.54 -20.15 -4.28
CA TYR B 167 -0.87 -18.81 -3.72
C TYR B 167 -1.06 -18.85 -2.21
N GLY B 168 -0.76 -19.95 -1.52
CA GLY B 168 -0.86 -20.03 -0.04
C GLY B 168 -2.29 -20.06 0.49
N THR B 169 -3.25 -20.71 -0.21
CA THR B 169 -4.64 -20.90 0.29
C THR B 169 -4.70 -22.01 1.34
N GLY B 170 -5.75 -21.98 2.17
CA GLY B 170 -6.05 -23.10 3.08
C GLY B 170 -5.55 -22.96 4.51
N TYR B 171 -5.14 -21.76 4.93
CA TYR B 171 -4.66 -21.51 6.32
C TYR B 171 -5.79 -21.85 7.30
N CYS B 172 -5.39 -22.49 8.39
CA CYS B 172 -6.19 -22.76 9.61
C CYS B 172 -5.25 -22.81 10.82
N ASP B 173 -5.80 -22.65 12.01
CA ASP B 173 -5.10 -22.91 13.30
C ASP B 173 -6.15 -23.20 14.37
N ALA B 174 -5.73 -23.31 15.63
CA ALA B 174 -6.60 -23.67 16.78
C ALA B 174 -7.39 -22.48 17.31
N GLN B 175 -7.30 -21.28 16.69
CA GLN B 175 -8.07 -20.10 17.16
C GLN B 175 -9.41 -20.05 16.44
N CYS B 176 -9.58 -20.79 15.34
CA CYS B 176 -10.86 -20.82 14.58
C CYS B 176 -11.23 -19.36 14.20
N PHE B 177 -10.29 -18.62 13.63
CA PHE B 177 -10.53 -17.21 13.19
C PHE B 177 -11.47 -17.22 11.97
N VAL B 178 -12.29 -16.17 11.87
CA VAL B 178 -13.09 -15.92 10.64
C VAL B 178 -12.23 -15.15 9.64
N THR B 179 -12.01 -15.69 8.48
CA THR B 179 -11.27 -14.99 7.40
C THR B 179 -12.21 -14.90 6.22
N PRO B 180 -12.12 -13.83 5.40
CA PRO B 180 -13.05 -13.64 4.28
C PRO B 180 -13.01 -14.74 3.21
N PHE B 181 -11.89 -15.45 3.13
CA PHE B 181 -11.72 -16.67 2.32
C PHE B 181 -11.20 -17.80 3.22
N ILE B 182 -11.73 -19.02 2.99
CA ILE B 182 -11.32 -20.30 3.64
C ILE B 182 -11.14 -21.30 2.51
N ASN B 183 -10.00 -21.99 2.49
CA ASN B 183 -9.70 -22.95 1.41
C ASN B 183 -9.90 -22.25 0.05
N GLY B 184 -9.53 -20.97 -0.05
CA GLY B 184 -9.54 -20.30 -1.35
C GLY B 184 -10.96 -20.01 -1.82
N LEU B 185 -11.95 -20.11 -0.93
CA LEU B 185 -13.39 -19.88 -1.29
C LEU B 185 -13.94 -18.78 -0.43
N GLY B 186 -14.81 -17.95 -0.99
CA GLY B 186 -15.45 -16.90 -0.17
C GLY B 186 -16.17 -17.54 0.99
N ASN B 187 -15.96 -17.03 2.20
CA ASN B 187 -16.54 -17.57 3.44
C ASN B 187 -17.89 -16.88 3.67
N ILE B 188 -18.85 -17.15 2.76
CA ILE B 188 -20.21 -16.51 2.75
C ILE B 188 -20.81 -16.55 4.16
N GLU B 189 -20.72 -17.66 4.90
CA GLU B 189 -21.42 -17.74 6.21
C GLU B 189 -20.53 -17.28 7.37
N GLY B 190 -19.33 -16.75 7.12
CA GLY B 190 -18.50 -16.20 8.21
C GLY B 190 -18.13 -17.27 9.24
N LYS B 191 -17.82 -18.47 8.77
CA LYS B 191 -17.37 -19.59 9.63
C LYS B 191 -15.92 -19.34 10.08
N GLY B 192 -15.46 -20.04 11.10
CA GLY B 192 -14.04 -19.99 11.53
C GLY B 192 -13.23 -21.11 10.86
N SER B 193 -11.91 -20.92 10.73
CA SER B 193 -10.99 -21.85 10.05
C SER B 193 -10.17 -22.58 11.14
N CYS B 194 -10.59 -23.79 11.50
CA CYS B 194 -10.13 -24.54 12.70
C CYS B 194 -9.23 -25.69 12.24
N CYS B 195 -8.11 -25.88 12.92
CA CYS B 195 -7.38 -27.17 12.78
C CYS B 195 -6.33 -27.33 13.86
N ASN B 196 -5.97 -28.60 14.05
CA ASN B 196 -4.86 -29.04 14.91
C ASN B 196 -3.64 -28.20 14.59
N GLU B 197 -2.93 -27.79 15.63
CA GLU B 197 -1.80 -26.88 15.47
C GLU B 197 -0.71 -27.30 16.47
N MET B 198 0.50 -27.58 15.99
CA MET B 198 1.65 -27.92 16.88
C MET B 198 2.60 -26.72 16.91
N ASP B 199 2.63 -25.97 17.99
CA ASP B 199 3.47 -24.75 18.05
C ASP B 199 4.88 -25.22 18.43
N ILE B 200 5.72 -25.53 17.44
CA ILE B 200 7.11 -25.99 17.76
C ILE B 200 7.83 -24.87 18.50
N TRP B 201 7.82 -23.67 17.93
CA TRP B 201 8.60 -22.53 18.42
C TRP B 201 7.70 -21.29 18.43
N GLU B 202 7.60 -20.65 19.59
CA GLU B 202 7.10 -19.26 19.72
C GLU B 202 8.05 -18.58 20.71
N ALA B 203 8.84 -17.63 20.25
CA ALA B 203 9.97 -17.17 21.05
C ALA B 203 10.40 -15.80 20.61
N ASN B 204 11.04 -15.13 21.56
CA ASN B 204 11.86 -13.95 21.27
C ASN B 204 13.15 -14.15 22.07
N SER B 205 13.93 -13.08 22.24
CA SER B 205 15.25 -13.14 22.93
C SER B 205 15.04 -13.26 24.43
N ARG B 206 13.79 -13.16 24.90
CA ARG B 206 13.52 -13.12 26.36
C ARG B 206 12.82 -14.38 26.81
N ALA B 207 12.13 -15.12 25.92
CA ALA B 207 11.38 -16.33 26.32
C ALA B 207 11.18 -17.27 25.11
N SER B 208 11.01 -18.54 25.41
CA SER B 208 10.88 -19.66 24.45
C SER B 208 9.73 -20.54 24.92
N HIS B 209 8.72 -20.74 24.06
CA HIS B 209 7.44 -21.41 24.36
C HIS B 209 7.21 -22.52 23.32
N VAL B 210 6.77 -23.67 23.78
CA VAL B 210 6.38 -24.83 22.95
C VAL B 210 4.97 -25.19 23.37
N ALA B 211 4.07 -25.43 22.43
CA ALA B 211 2.71 -25.82 22.83
C ALA B 211 2.00 -26.56 21.71
N PRO B 212 1.58 -27.81 21.98
CA PRO B 212 0.60 -28.49 21.13
C PRO B 212 -0.80 -27.93 21.44
N HIS B 213 -1.61 -27.82 20.39
CA HIS B 213 -3.07 -27.48 20.47
C HIS B 213 -3.89 -28.55 19.75
N THR B 214 -4.79 -29.23 20.46
CA THR B 214 -5.65 -30.25 19.82
C THR B 214 -6.96 -29.61 19.34
N CYS B 215 -7.51 -30.22 18.32
CA CYS B 215 -8.91 -30.10 17.84
C CYS B 215 -9.46 -31.51 17.70
N ASN B 216 -10.73 -31.66 18.00
CA ASN B 216 -11.41 -32.97 17.91
C ASN B 216 -11.94 -33.18 16.49
N LYS B 217 -11.35 -32.53 15.49
CA LYS B 217 -11.69 -32.73 14.06
C LYS B 217 -10.40 -32.94 13.28
N LYS B 218 -10.49 -33.65 12.17
CA LYS B 218 -9.39 -33.94 11.24
C LYS B 218 -9.37 -32.90 10.11
N GLY B 219 -8.18 -32.36 9.83
CA GLY B 219 -7.97 -31.35 8.80
C GLY B 219 -8.71 -30.07 9.18
N LEU B 220 -9.03 -29.28 8.17
CA LEU B 220 -9.58 -27.92 8.35
C LEU B 220 -11.07 -28.11 8.56
N TYR B 221 -11.58 -27.64 9.68
CA TYR B 221 -13.01 -27.70 10.03
C TYR B 221 -13.57 -26.28 9.99
N LEU B 222 -14.68 -26.08 9.26
CA LEU B 222 -15.36 -24.76 9.24
C LEU B 222 -16.39 -24.74 10.36
N CYS B 223 -16.09 -24.05 11.46
CA CYS B 223 -16.91 -24.03 12.69
C CYS B 223 -18.00 -22.95 12.60
N GLU B 224 -19.09 -23.11 13.34
CA GLU B 224 -20.10 -22.03 13.53
C GLU B 224 -20.49 -21.96 15.00
N GLY B 225 -20.83 -20.76 15.46
CA GLY B 225 -21.27 -20.52 16.82
C GLY B 225 -20.28 -21.02 17.85
N GLU B 226 -20.77 -21.70 18.89
CA GLU B 226 -20.00 -22.12 20.09
C GLU B 226 -18.85 -23.04 19.63
N GLU B 227 -18.95 -23.62 18.43
CA GLU B 227 -17.86 -24.51 17.92
C GLU B 227 -16.57 -23.70 17.81
N CYS B 228 -16.63 -22.38 17.52
CA CYS B 228 -15.46 -21.46 17.34
C CYS B 228 -14.94 -20.94 18.69
N ALA B 229 -15.66 -21.15 19.79
CA ALA B 229 -15.44 -20.48 21.08
C ALA B 229 -14.53 -21.33 21.99
N PHE B 230 -14.21 -20.83 23.19
CA PHE B 230 -13.29 -21.49 24.12
C PHE B 230 -13.75 -22.94 24.37
N GLU B 231 -15.06 -23.15 24.53
CA GLU B 231 -15.65 -24.48 24.85
C GLU B 231 -16.00 -25.24 23.54
N GLY B 232 -15.36 -24.95 22.41
CA GLY B 232 -15.73 -25.53 21.10
C GLY B 232 -14.79 -26.66 20.66
N VAL B 233 -14.52 -26.75 19.36
CA VAL B 233 -13.80 -27.91 18.76
C VAL B 233 -12.29 -27.80 18.86
N CYS B 234 -11.72 -26.62 19.14
CA CYS B 234 -10.25 -26.46 19.17
C CYS B 234 -9.79 -25.96 20.52
N ASP B 235 -8.55 -26.31 20.84
CA ASP B 235 -7.87 -25.86 22.08
C ASP B 235 -7.15 -24.53 21.81
N LYS B 236 -7.76 -23.39 22.16
CA LYS B 236 -7.14 -22.04 21.98
C LYS B 236 -5.85 -21.91 22.80
N ASN B 237 -5.82 -22.32 24.05
CA ASN B 237 -4.67 -22.06 24.97
C ASN B 237 -3.49 -22.99 24.66
N GLY B 238 -3.74 -24.24 24.31
CA GLY B 238 -2.63 -25.18 24.09
C GLY B 238 -2.06 -25.65 25.41
N CYS B 239 -1.15 -26.62 25.37
CA CYS B 239 -0.45 -27.08 26.58
C CYS B 239 0.93 -26.45 26.55
N GLY B 240 1.16 -25.38 27.31
CA GLY B 240 2.36 -24.55 27.20
C GLY B 240 3.56 -25.10 27.95
N TRP B 241 4.73 -24.95 27.33
CA TRP B 241 6.06 -25.34 27.84
C TRP B 241 7.01 -24.16 27.74
N ASN B 242 7.31 -23.55 28.90
CA ASN B 242 8.13 -22.32 29.06
C ASN B 242 8.91 -22.48 30.36
N ASN B 243 10.23 -22.44 30.31
CA ASN B 243 11.08 -22.59 31.51
C ASN B 243 10.55 -21.65 32.62
N TYR B 244 10.22 -20.39 32.30
CA TYR B 244 9.69 -19.43 33.31
C TYR B 244 8.42 -19.95 33.97
N ARG B 245 7.47 -20.51 33.21
CA ARG B 245 6.19 -20.99 33.79
C ARG B 245 6.41 -22.17 34.76
N VAL B 246 7.55 -22.89 34.68
CA VAL B 246 7.89 -24.05 35.57
C VAL B 246 9.03 -23.64 36.51
N ASN B 247 9.24 -22.34 36.65
CA ASN B 247 10.01 -21.76 37.76
C ASN B 247 11.48 -22.11 37.57
N VAL B 248 11.98 -21.97 36.35
CA VAL B 248 13.41 -22.09 36.02
C VAL B 248 13.80 -20.80 35.30
N THR B 249 14.49 -19.89 35.96
CA THR B 249 14.56 -18.48 35.49
C THR B 249 15.88 -18.25 34.79
N ASP B 250 16.84 -19.18 34.84
CA ASP B 250 18.21 -18.96 34.33
C ASP B 250 18.52 -19.83 33.08
N TYR B 251 17.50 -20.30 32.35
CA TYR B 251 17.65 -21.27 31.22
C TYR B 251 17.90 -20.56 29.91
N TYR B 252 17.16 -19.47 29.66
CA TYR B 252 17.05 -18.86 28.31
C TYR B 252 16.99 -17.33 28.44
N GLY B 253 17.90 -16.56 27.84
CA GLY B 253 17.82 -15.10 27.94
C GLY B 253 19.01 -14.44 27.32
N ARG B 254 19.04 -13.12 27.37
CA ARG B 254 20.10 -12.30 26.76
C ARG B 254 21.33 -12.26 27.71
N GLY B 255 22.40 -12.97 27.38
CA GLY B 255 23.68 -12.91 28.11
C GLY B 255 24.19 -14.26 28.59
N GLU B 256 25.49 -14.27 28.97
CA GLU B 256 26.27 -15.48 29.35
C GLU B 256 25.68 -16.10 30.62
N GLU B 257 24.90 -15.38 31.42
CA GLU B 257 24.32 -15.98 32.66
C GLU B 257 23.07 -16.85 32.38
N PHE B 258 22.60 -16.97 31.13
CA PHE B 258 21.57 -17.97 30.74
C PHE B 258 22.27 -19.15 30.03
N LYS B 259 21.77 -20.37 30.18
CA LYS B 259 22.31 -21.57 29.46
C LYS B 259 22.20 -21.36 27.97
N VAL B 260 21.02 -20.91 27.50
CA VAL B 260 20.86 -20.53 26.09
C VAL B 260 20.97 -19.01 26.04
N ASN B 261 21.97 -18.50 25.33
CA ASN B 261 22.30 -17.06 25.29
C ASN B 261 21.81 -16.50 23.95
N THR B 262 20.69 -15.77 24.01
CA THR B 262 19.96 -15.29 22.81
C THR B 262 20.69 -14.11 22.17
N LEU B 263 21.83 -13.66 22.75
CA LEU B 263 22.70 -12.66 22.06
C LEU B 263 23.48 -13.33 20.93
N LYS B 264 23.49 -14.65 20.88
CA LYS B 264 24.19 -15.44 19.84
C LYS B 264 23.23 -16.41 19.14
N PRO B 265 23.49 -16.78 17.88
CA PRO B 265 22.72 -17.84 17.21
C PRO B 265 22.81 -19.15 17.99
N PHE B 266 21.79 -20.01 17.86
CA PHE B 266 21.71 -21.37 18.47
C PHE B 266 20.84 -22.30 17.62
N THR B 267 20.80 -23.56 18.04
CA THR B 267 20.16 -24.70 17.37
C THR B 267 19.03 -25.18 18.26
N VAL B 268 17.85 -25.34 17.67
CA VAL B 268 16.64 -25.77 18.41
C VAL B 268 16.23 -27.14 17.90
N VAL B 269 16.10 -28.09 18.81
CA VAL B 269 15.81 -29.50 18.51
C VAL B 269 14.51 -29.85 19.19
N THR B 270 13.58 -30.47 18.47
CA THR B 270 12.27 -30.87 19.03
C THR B 270 11.97 -32.30 18.61
N GLN B 271 11.81 -33.17 19.58
CA GLN B 271 11.64 -34.61 19.35
C GLN B 271 10.23 -34.97 19.73
N PHE B 272 9.53 -35.67 18.83
CA PHE B 272 8.18 -36.20 19.08
C PHE B 272 8.30 -37.69 19.40
N LEU B 273 8.36 -37.99 20.69
CA LEU B 273 8.70 -39.36 21.15
C LEU B 273 7.43 -40.18 21.26
N ALA B 274 7.35 -41.26 20.47
CA ALA B 274 6.18 -42.16 20.41
C ALA B 274 6.52 -43.54 20.98
N ASN B 275 5.53 -44.25 21.45
CA ASN B 275 5.64 -45.68 21.83
C ASN B 275 5.78 -46.53 20.55
N ARG B 276 5.94 -47.85 20.71
CA ARG B 276 6.15 -48.76 19.55
C ARG B 276 4.87 -48.80 18.70
N ARG B 277 3.70 -48.63 19.30
CA ARG B 277 2.42 -48.59 18.54
C ARG B 277 2.21 -47.25 17.80
N GLY B 278 3.15 -46.30 17.80
CA GLY B 278 3.03 -45.04 17.02
C GLY B 278 2.21 -43.97 17.73
N LYS B 279 1.84 -44.18 18.99
CA LYS B 279 1.15 -43.17 19.86
C LYS B 279 2.17 -42.17 20.42
N LEU B 280 1.98 -40.88 20.13
CA LEU B 280 2.84 -39.80 20.70
C LEU B 280 2.68 -39.80 22.21
N GLU B 281 3.80 -39.72 22.94
CA GLU B 281 3.78 -39.73 24.44
C GLU B 281 4.44 -38.48 25.01
N LYS B 282 5.48 -37.98 24.36
CA LYS B 282 6.34 -36.94 24.94
C LYS B 282 6.80 -36.03 23.82
N ILE B 283 6.90 -34.75 24.12
CA ILE B 283 7.58 -33.77 23.26
C ILE B 283 8.76 -33.28 24.06
N HIS B 284 9.93 -33.31 23.45
CA HIS B 284 11.21 -33.03 24.10
C HIS B 284 11.97 -31.94 23.35
N ARG B 285 12.23 -30.80 24.02
CA ARG B 285 12.98 -29.65 23.44
C ARG B 285 14.37 -29.53 24.10
N PHE B 286 15.45 -29.44 23.31
CA PHE B 286 16.78 -29.08 23.84
C PHE B 286 17.46 -28.25 22.77
N TYR B 287 18.58 -27.65 23.13
CA TYR B 287 19.25 -26.66 22.27
C TYR B 287 20.69 -27.13 22.07
N VAL B 288 21.36 -26.53 21.09
CA VAL B 288 22.83 -26.64 20.91
C VAL B 288 23.36 -25.24 20.71
N GLN B 289 24.39 -24.86 21.45
CA GLN B 289 25.01 -23.54 21.20
C GLN B 289 26.53 -23.70 21.32
N ASP B 290 27.26 -23.09 20.39
CA ASP B 290 28.75 -23.12 20.39
C ASP B 290 29.20 -24.58 20.42
N GLY B 291 28.53 -25.42 19.64
CA GLY B 291 28.78 -26.87 19.54
C GLY B 291 28.51 -27.64 20.82
N LYS B 292 27.99 -27.09 21.92
CA LYS B 292 27.61 -27.94 23.08
C LYS B 292 26.09 -28.14 23.11
N VAL B 293 25.68 -29.35 23.49
CA VAL B 293 24.27 -29.70 23.76
C VAL B 293 23.88 -29.09 25.07
N ILE B 294 22.84 -28.27 25.07
CA ILE B 294 22.19 -27.78 26.32
C ILE B 294 20.94 -28.62 26.55
N GLU B 295 20.98 -29.51 27.51
CA GLU B 295 19.84 -30.41 27.79
C GLU B 295 18.65 -29.56 28.24
N SER B 296 17.45 -30.10 28.12
CA SER B 296 16.25 -29.44 28.67
C SER B 296 16.41 -29.28 30.18
N PHE B 297 15.88 -28.20 30.76
CA PHE B 297 15.58 -28.07 32.22
C PHE B 297 14.57 -29.12 32.60
N TYR B 298 14.46 -29.41 33.89
CA TYR B 298 13.30 -30.09 34.50
C TYR B 298 12.42 -29.06 35.16
N THR B 299 11.15 -29.36 35.34
CA THR B 299 10.20 -28.46 36.01
C THR B 299 10.74 -28.22 37.42
N ASN B 300 10.23 -27.21 38.13
CA ASN B 300 10.77 -26.80 39.45
C ASN B 300 9.73 -25.98 40.21
N LYS B 301 8.49 -26.45 40.26
CA LYS B 301 7.36 -25.68 40.79
C LYS B 301 6.39 -26.62 41.47
N GLU B 302 5.83 -26.21 42.61
CA GLU B 302 4.90 -26.98 43.46
C GLU B 302 3.62 -27.16 42.67
N GLY B 303 3.04 -28.36 42.72
CA GLY B 303 1.79 -28.70 42.02
C GLY B 303 2.08 -29.27 40.64
N VAL B 304 3.32 -29.17 40.17
CA VAL B 304 3.71 -29.53 38.78
C VAL B 304 4.66 -30.74 38.79
N PRO B 305 4.30 -31.87 38.14
CA PRO B 305 5.13 -33.07 38.15
C PRO B 305 6.54 -32.77 37.63
N TYR B 306 7.49 -33.48 38.21
CA TYR B 306 8.91 -33.38 37.86
C TYR B 306 9.08 -33.97 36.45
N THR B 307 9.46 -33.20 35.42
CA THR B 307 9.58 -33.72 34.03
C THR B 307 10.51 -32.79 33.25
N ASN B 308 11.22 -33.33 32.27
CA ASN B 308 12.02 -32.55 31.29
C ASN B 308 11.31 -32.64 29.93
N MET B 309 10.07 -33.05 29.90
CA MET B 309 9.33 -33.14 28.60
C MET B 309 7.83 -32.91 28.80
N ILE B 310 7.18 -32.47 27.72
CA ILE B 310 5.70 -32.34 27.68
C ILE B 310 5.10 -33.73 27.59
N ASP B 311 4.10 -33.99 28.39
CA ASP B 311 3.30 -35.22 28.30
C ASP B 311 1.99 -34.94 28.99
N ASP B 312 1.08 -35.89 28.92
CA ASP B 312 -0.31 -35.75 29.40
C ASP B 312 -0.31 -35.36 30.86
N GLU B 313 0.59 -35.95 31.65
CA GLU B 313 0.57 -35.80 33.11
C GLU B 313 0.83 -34.32 33.42
N PHE B 314 1.86 -33.74 32.80
CA PHE B 314 2.25 -32.32 32.90
C PHE B 314 1.07 -31.46 32.43
N CYS B 315 0.48 -31.83 31.30
CA CYS B 315 -0.59 -31.00 30.63
C CYS B 315 -1.83 -30.94 31.52
N GLU B 316 -2.21 -32.08 32.09
CA GLU B 316 -3.35 -32.19 33.04
C GLU B 316 -3.09 -31.34 34.30
N ALA B 317 -1.92 -31.50 34.92
CA ALA B 317 -1.58 -30.82 36.18
C ALA B 317 -1.55 -29.30 35.96
N THR B 318 -1.11 -28.79 34.81
CA THR B 318 -0.94 -27.32 34.59
C THR B 318 -2.25 -26.71 34.09
N GLY B 319 -3.38 -27.43 34.12
CA GLY B 319 -4.71 -26.89 33.77
C GLY B 319 -5.01 -26.80 32.28
N SER B 320 -4.32 -27.56 31.41
CA SER B 320 -4.64 -27.58 29.95
C SER B 320 -5.90 -28.41 29.69
N ARG B 321 -7.05 -27.95 30.19
CA ARG B 321 -8.27 -28.77 30.19
C ARG B 321 -8.78 -29.04 28.77
N LYS B 322 -8.85 -28.07 27.85
CA LYS B 322 -9.40 -28.33 26.50
C LYS B 322 -8.39 -29.18 25.69
N TYR B 323 -7.11 -29.02 25.94
CA TYR B 323 -6.04 -29.84 25.32
C TYR B 323 -6.36 -31.32 25.56
N MET B 324 -6.62 -31.65 26.81
CA MET B 324 -6.90 -33.03 27.28
C MET B 324 -8.26 -33.48 26.74
N GLU B 325 -9.31 -32.67 26.86
CA GLU B 325 -10.65 -33.08 26.41
C GLU B 325 -10.69 -33.27 24.90
N LEU B 326 -9.97 -32.48 24.10
CA LEU B 326 -10.05 -32.56 22.63
C LEU B 326 -9.04 -33.57 22.06
N GLY B 327 -8.28 -34.31 22.86
CA GLY B 327 -7.55 -35.48 22.32
C GLY B 327 -6.23 -35.74 23.00
N ALA B 328 -5.73 -34.81 23.80
CA ALA B 328 -4.48 -34.95 24.57
C ALA B 328 -3.28 -35.23 23.64
N THR B 329 -2.19 -35.74 24.16
CA THR B 329 -0.94 -35.84 23.36
C THR B 329 -1.16 -36.84 22.22
N GLN B 330 -1.92 -37.87 22.47
CA GLN B 330 -2.25 -38.88 21.45
C GLN B 330 -2.96 -38.21 20.27
N GLY B 331 -3.95 -37.35 20.56
CA GLY B 331 -4.66 -36.58 19.52
C GLY B 331 -3.69 -35.75 18.72
N MET B 332 -2.79 -35.02 19.39
CA MET B 332 -1.80 -34.17 18.67
C MET B 332 -0.96 -35.08 17.75
N GLY B 333 -0.57 -36.27 18.25
CA GLY B 333 0.27 -37.24 17.48
C GLY B 333 -0.46 -37.80 16.25
N GLU B 334 -1.77 -37.96 16.36
CA GLU B 334 -2.59 -38.43 15.23
C GLU B 334 -2.53 -37.41 14.10
N ALA B 335 -2.71 -36.12 14.42
CA ALA B 335 -2.62 -35.05 13.41
C ALA B 335 -1.20 -35.02 12.85
N LEU B 336 -0.17 -35.10 13.72
CA LEU B 336 1.23 -35.07 13.23
C LEU B 336 1.44 -36.24 12.27
N THR B 337 0.91 -37.42 12.58
CA THR B 337 1.10 -38.62 11.72
C THR B 337 0.37 -38.47 10.37
N ARG B 338 -0.85 -37.93 10.41
CA ARG B 338 -1.63 -37.68 9.17
C ARG B 338 -0.83 -36.73 8.28
N GLY B 339 -0.09 -35.77 8.87
CA GLY B 339 0.73 -34.83 8.09
C GLY B 339 0.26 -33.39 8.23
N MET B 340 1.23 -32.49 8.39
CA MET B 340 0.94 -31.08 8.69
C MET B 340 1.84 -30.19 7.86
N VAL B 341 1.41 -28.96 7.68
CA VAL B 341 2.10 -27.94 6.88
C VAL B 341 2.89 -27.05 7.84
N LEU B 342 4.11 -26.68 7.45
CA LEU B 342 5.02 -25.81 8.20
C LEU B 342 4.70 -24.36 7.85
N ALA B 343 4.47 -23.58 8.90
CA ALA B 343 4.23 -22.11 8.85
C ALA B 343 5.32 -21.41 9.66
N MET B 344 5.80 -20.26 9.18
CA MET B 344 6.80 -19.46 9.85
C MET B 344 6.32 -18.03 9.75
N SER B 345 6.33 -17.32 10.87
CA SER B 345 5.76 -15.96 10.91
C SER B 345 6.49 -15.12 11.93
N ILE B 346 6.26 -13.83 11.86
CA ILE B 346 6.77 -12.90 12.86
C ILE B 346 5.65 -11.89 13.08
N TRP B 347 5.29 -11.66 14.33
CA TRP B 347 4.11 -10.83 14.63
C TRP B 347 4.21 -10.17 16.01
N TRP B 348 3.42 -9.12 16.17
CA TRP B 348 3.23 -8.50 17.51
C TRP B 348 1.72 -8.42 17.81
N ASP B 349 1.39 -7.99 19.03
CA ASP B 349 0.03 -8.09 19.61
C ASP B 349 -0.37 -6.73 20.20
N GLN B 350 -1.04 -5.92 19.41
CA GLN B 350 -1.53 -4.60 19.86
C GLN B 350 -2.51 -4.79 21.03
N GLY B 351 -3.37 -5.80 20.94
CA GLY B 351 -4.42 -6.08 21.94
C GLY B 351 -3.86 -6.45 23.31
N GLY B 352 -2.86 -7.35 23.34
CA GLY B 352 -2.50 -8.07 24.57
C GLY B 352 -0.99 -8.05 24.85
N ASN B 353 -0.20 -7.39 24.01
CA ASN B 353 1.28 -7.22 24.13
C ASN B 353 2.02 -8.56 24.29
N MET B 354 1.42 -9.65 23.87
CA MET B 354 2.06 -11.01 23.88
C MET B 354 2.43 -11.39 25.32
N GLU B 355 1.61 -11.00 26.30
CA GLU B 355 1.96 -11.17 27.73
C GLU B 355 2.04 -12.65 28.09
N TRP B 356 1.27 -13.51 27.43
CA TRP B 356 1.30 -14.98 27.69
C TRP B 356 2.68 -15.55 27.30
N LEU B 357 3.44 -14.89 26.45
CA LEU B 357 4.74 -15.42 25.97
C LEU B 357 5.88 -15.07 26.97
N ASP B 358 5.92 -13.86 27.57
CA ASP B 358 7.21 -13.34 28.11
C ASP B 358 7.02 -12.42 29.33
N HIS B 359 5.82 -12.30 29.87
CA HIS B 359 5.49 -11.44 31.04
C HIS B 359 4.96 -12.30 32.22
N GLY B 360 5.14 -11.86 33.48
CA GLY B 360 4.57 -12.47 34.71
C GLY B 360 5.15 -13.86 34.95
N GLU B 361 4.29 -14.87 34.99
CA GLU B 361 4.73 -16.29 35.13
C GLU B 361 5.61 -16.70 33.94
N ALA B 362 5.51 -16.01 32.79
CA ALA B 362 6.07 -16.51 31.49
C ALA B 362 7.41 -15.88 31.14
N GLY B 363 7.86 -14.84 31.86
CA GLY B 363 9.20 -14.28 31.61
C GLY B 363 9.46 -12.96 32.33
N PRO B 364 10.52 -12.29 31.86
CA PRO B 364 11.11 -11.13 32.53
C PRO B 364 10.62 -9.78 32.01
N CYS B 365 9.60 -9.78 31.15
CA CYS B 365 9.10 -8.56 30.47
C CYS B 365 8.12 -7.85 31.41
N ALA B 366 8.23 -6.53 31.50
CA ALA B 366 7.30 -5.74 32.33
C ALA B 366 5.98 -5.49 31.59
N LYS B 367 4.94 -5.19 32.35
CA LYS B 367 3.65 -4.69 31.84
C LYS B 367 3.96 -3.47 30.95
N GLY B 368 3.39 -3.45 29.74
CA GLY B 368 3.57 -2.40 28.72
C GLY B 368 4.79 -2.61 27.84
N GLU B 369 5.82 -3.36 28.28
CA GLU B 369 7.11 -3.46 27.54
C GLU B 369 6.86 -4.08 26.13
N GLY B 370 5.89 -4.97 26.02
CA GLY B 370 5.53 -5.69 24.77
C GLY B 370 4.60 -4.91 23.84
N ALA B 371 4.25 -3.66 24.17
CA ALA B 371 3.39 -2.87 23.25
C ALA B 371 4.25 -2.48 22.06
N PRO B 372 3.69 -2.50 20.83
CA PRO B 372 4.43 -2.05 19.64
C PRO B 372 5.20 -0.73 19.77
N SER B 373 4.61 0.31 20.38
CA SER B 373 5.32 1.61 20.57
C SER B 373 6.54 1.44 21.48
N ASN B 374 6.63 0.39 22.28
CA ASN B 374 7.78 0.14 23.17
C ASN B 374 8.76 -0.84 22.50
N ILE B 375 8.23 -1.83 21.79
CA ILE B 375 9.10 -2.77 21.05
C ILE B 375 10.11 -1.98 20.22
N VAL B 376 9.65 -0.99 19.46
CA VAL B 376 10.50 -0.25 18.49
C VAL B 376 11.51 0.66 19.21
N GLN B 377 11.31 0.98 20.50
CA GLN B 377 12.33 1.73 21.26
C GLN B 377 13.49 0.82 21.62
N VAL B 378 13.28 -0.48 21.65
CA VAL B 378 14.33 -1.46 22.02
C VAL B 378 14.96 -1.97 20.73
N GLU B 379 14.13 -2.32 19.75
CA GLU B 379 14.64 -2.83 18.43
C GLU B 379 13.76 -2.23 17.35
N PRO B 380 14.21 -1.18 16.61
CA PRO B 380 13.34 -0.49 15.65
C PRO B 380 12.93 -1.35 14.44
N PHE B 381 13.69 -2.41 14.14
CA PHE B 381 13.42 -3.27 12.94
C PHE B 381 13.49 -4.73 13.33
N PRO B 382 12.51 -5.25 14.11
CA PRO B 382 12.59 -6.62 14.58
C PRO B 382 12.48 -7.60 13.39
N GLU B 383 13.17 -8.71 13.54
CA GLU B 383 13.39 -9.67 12.44
C GLU B 383 13.88 -10.97 13.06
N VAL B 384 13.79 -12.03 12.29
CA VAL B 384 14.23 -13.38 12.74
C VAL B 384 14.78 -14.09 11.50
N THR B 385 15.75 -14.95 11.70
CA THR B 385 16.36 -15.75 10.62
C THR B 385 16.34 -17.20 11.08
N TYR B 386 15.73 -18.05 10.25
CA TYR B 386 15.67 -19.52 10.43
C TYR B 386 16.54 -20.13 9.31
N THR B 387 17.39 -21.07 9.72
CA THR B 387 18.53 -21.55 8.89
C THR B 387 18.58 -23.07 8.98
N ASN B 388 18.83 -23.76 7.85
CA ASN B 388 19.00 -25.24 7.85
C ASN B 388 17.82 -25.98 8.51
N LEU B 389 16.58 -25.76 8.02
CA LEU B 389 15.40 -26.52 8.50
C LEU B 389 15.66 -27.99 8.15
N ARG B 390 15.50 -28.87 9.09
CA ARG B 390 15.91 -30.25 8.81
C ARG B 390 15.17 -31.15 9.79
N TRP B 391 14.65 -32.28 9.30
CA TRP B 391 13.93 -33.24 10.15
C TRP B 391 14.30 -34.67 9.74
N GLY B 392 13.97 -35.61 10.60
CA GLY B 392 14.25 -37.01 10.33
C GLY B 392 14.43 -37.79 11.62
N GLU B 393 15.29 -38.82 11.57
CA GLU B 393 15.39 -39.84 12.63
CA GLU B 393 15.44 -39.84 12.63
C GLU B 393 15.94 -39.17 13.90
N ILE B 394 15.46 -39.59 15.05
CA ILE B 394 15.90 -39.13 16.40
C ILE B 394 17.44 -39.19 16.40
N GLY B 395 18.13 -38.23 16.99
CA GLY B 395 19.60 -38.32 17.10
C GLY B 395 20.33 -37.92 15.82
N SER B 396 19.66 -37.63 14.71
CA SER B 396 20.35 -37.49 13.41
C SER B 396 20.46 -36.03 12.99
N THR B 397 19.75 -35.06 13.61
CA THR B 397 19.69 -33.72 12.99
C THR B 397 20.76 -32.80 13.54
N TYR B 398 21.39 -33.14 14.66
CA TYR B 398 22.35 -32.22 15.34
C TYR B 398 23.68 -32.93 15.59
#